data_1D68
# 
_entry.id   1D68 
# 
_audit_conform.dict_name       mmcif_pdbx.dic 
_audit_conform.dict_version    5.392 
_audit_conform.dict_location   http://mmcif.pdb.org/dictionaries/ascii/mmcif_pdbx.dic 
# 
loop_
_database_2.database_id 
_database_2.database_code 
_database_2.pdbx_database_accession 
_database_2.pdbx_DOI 
PDB   1D68         pdb_00001d68 10.2210/pdb1d68/pdb 
WWPDB D_1000172669 ?            ?                   
# 
loop_
_pdbx_audit_revision_history.ordinal 
_pdbx_audit_revision_history.data_content_type 
_pdbx_audit_revision_history.major_revision 
_pdbx_audit_revision_history.minor_revision 
_pdbx_audit_revision_history.revision_date 
1 'Structure model' 1 0 1993-04-15 
2 'Structure model' 1 1 2008-03-24 
3 'Structure model' 1 2 2011-07-13 
4 'Structure model' 1 3 2022-02-16 
5 'Structure model' 1 4 2024-05-22 
# 
_pdbx_audit_revision_details.ordinal             1 
_pdbx_audit_revision_details.revision_ordinal    1 
_pdbx_audit_revision_details.data_content_type   'Structure model' 
_pdbx_audit_revision_details.provider            repository 
_pdbx_audit_revision_details.type                'Initial release' 
_pdbx_audit_revision_details.description         ? 
_pdbx_audit_revision_details.details             ? 
# 
loop_
_pdbx_audit_revision_group.ordinal 
_pdbx_audit_revision_group.revision_ordinal 
_pdbx_audit_revision_group.data_content_type 
_pdbx_audit_revision_group.group 
1 2 'Structure model' 'Version format compliance' 
2 3 'Structure model' 'Version format compliance' 
3 4 'Structure model' 'Database references'       
4 4 'Structure model' 'Derived calculations'      
5 4 'Structure model' Other                       
6 5 'Structure model' 'Data collection'           
# 
loop_
_pdbx_audit_revision_category.ordinal 
_pdbx_audit_revision_category.revision_ordinal 
_pdbx_audit_revision_category.data_content_type 
_pdbx_audit_revision_category.category 
1 4 'Structure model' database_2            
2 4 'Structure model' pdbx_database_status  
3 4 'Structure model' pdbx_struct_assembly  
4 4 'Structure model' pdbx_struct_oper_list 
5 5 'Structure model' chem_comp_atom        
6 5 'Structure model' chem_comp_bond        
# 
loop_
_pdbx_audit_revision_item.ordinal 
_pdbx_audit_revision_item.revision_ordinal 
_pdbx_audit_revision_item.data_content_type 
_pdbx_audit_revision_item.item 
1 4 'Structure model' '_database_2.pdbx_DOI'                
2 4 'Structure model' '_database_2.pdbx_database_accession' 
3 4 'Structure model' '_pdbx_database_status.process_site'  
# 
_pdbx_database_status.status_code                     REL 
_pdbx_database_status.entry_id                        1D68 
_pdbx_database_status.recvd_initial_deposition_date   1992-04-15 
_pdbx_database_status.deposit_site                    ? 
_pdbx_database_status.process_site                    BNL 
_pdbx_database_status.SG_entry                        . 
_pdbx_database_status.pdb_format_compatible           Y 
_pdbx_database_status.status_code_mr                  ? 
_pdbx_database_status.status_code_sf                  ? 
_pdbx_database_status.status_code_cs                  ? 
_pdbx_database_status.status_code_nmr_data            ? 
_pdbx_database_status.methods_development_category    ? 
# 
loop_
_audit_author.name 
_audit_author.pdbx_ordinal 
'Cheng, J.-W.' 1 
'Chou, S.-H.'  2 
'Salazar, M.'  3 
'Reid, B.R.'   4 
# 
_citation.id                        primary 
_citation.title                     'Solution structure of [d(GCGTATACGC)]2.' 
_citation.journal_abbrev            J.Mol.Biol. 
_citation.journal_volume            228 
_citation.page_first                118 
_citation.page_last                 137 
_citation.year                      1992 
_citation.journal_id_ASTM           JMOBAK 
_citation.country                   UK 
_citation.journal_id_ISSN           0022-2836 
_citation.journal_id_CSD            0070 
_citation.book_publisher            ? 
_citation.pdbx_database_id_PubMed   1447776 
_citation.pdbx_database_id_DOI      '10.1016/0022-2836(92)90496-7' 
# 
loop_
_citation_author.citation_id 
_citation_author.name 
_citation_author.ordinal 
_citation_author.identifier_ORCID 
primary 'Cheng, J.W.' 1 ? 
primary 'Chou, S.H.'  2 ? 
primary 'Salazar, M.' 3 ? 
primary 'Reid, B.R.'  4 ? 
# 
_entity.id                         1 
_entity.type                       polymer 
_entity.src_method                 syn 
_entity.pdbx_description           
;DNA (5'-D(P*GP*CP*GP*TP*AP*TP*AP*CP*GP*C)-3')
;
_entity.formula_weight             3045.005 
_entity.pdbx_number_of_molecules   2 
_entity.pdbx_ec                    ? 
_entity.pdbx_mutation              ? 
_entity.pdbx_fragment              ? 
_entity.details                    ? 
# 
_entity_keywords.entity_id   1 
_entity_keywords.text        'DEOXYRIBONUCLEIC ACID' 
# 
_entity_poly.entity_id                      1 
_entity_poly.type                           polydeoxyribonucleotide 
_entity_poly.nstd_linkage                   no 
_entity_poly.nstd_monomer                   no 
_entity_poly.pdbx_seq_one_letter_code       '(DG)(DC)(DG)(DT)(DA)(DT)(DA)(DC)(DG)(DC)' 
_entity_poly.pdbx_seq_one_letter_code_can   GCGTATACGC 
_entity_poly.pdbx_strand_id                 A,B 
_entity_poly.pdbx_target_identifier         ? 
# 
loop_
_entity_poly_seq.entity_id 
_entity_poly_seq.num 
_entity_poly_seq.mon_id 
_entity_poly_seq.hetero 
1 1  DG n 
1 2  DC n 
1 3  DG n 
1 4  DT n 
1 5  DA n 
1 6  DT n 
1 7  DA n 
1 8  DC n 
1 9  DG n 
1 10 DC n 
# 
_pdbx_entity_src_syn.entity_id              1 
_pdbx_entity_src_syn.pdbx_src_id            1 
_pdbx_entity_src_syn.pdbx_alt_source_flag   sample 
_pdbx_entity_src_syn.pdbx_beg_seq_num       ? 
_pdbx_entity_src_syn.pdbx_end_seq_num       ? 
_pdbx_entity_src_syn.organism_scientific    ? 
_pdbx_entity_src_syn.organism_common_name   ? 
_pdbx_entity_src_syn.ncbi_taxonomy_id       ? 
_pdbx_entity_src_syn.details                'CHEMICALLY SYNTHESIZED' 
# 
loop_
_chem_comp.id 
_chem_comp.type 
_chem_comp.mon_nstd_flag 
_chem_comp.name 
_chem_comp.pdbx_synonyms 
_chem_comp.formula 
_chem_comp.formula_weight 
DA 'DNA linking' y "2'-DEOXYADENOSINE-5'-MONOPHOSPHATE" ? 'C10 H14 N5 O6 P' 331.222 
DC 'DNA linking' y "2'-DEOXYCYTIDINE-5'-MONOPHOSPHATE"  ? 'C9 H14 N3 O7 P'  307.197 
DG 'DNA linking' y "2'-DEOXYGUANOSINE-5'-MONOPHOSPHATE" ? 'C10 H14 N5 O7 P' 347.221 
DT 'DNA linking' y "THYMIDINE-5'-MONOPHOSPHATE"         ? 'C10 H15 N2 O8 P' 322.208 
# 
loop_
_pdbx_poly_seq_scheme.asym_id 
_pdbx_poly_seq_scheme.entity_id 
_pdbx_poly_seq_scheme.seq_id 
_pdbx_poly_seq_scheme.mon_id 
_pdbx_poly_seq_scheme.ndb_seq_num 
_pdbx_poly_seq_scheme.pdb_seq_num 
_pdbx_poly_seq_scheme.auth_seq_num 
_pdbx_poly_seq_scheme.pdb_mon_id 
_pdbx_poly_seq_scheme.auth_mon_id 
_pdbx_poly_seq_scheme.pdb_strand_id 
_pdbx_poly_seq_scheme.pdb_ins_code 
_pdbx_poly_seq_scheme.hetero 
A 1 1  DG 1  1  1  DG G A . n 
A 1 2  DC 2  2  2  DC C A . n 
A 1 3  DG 3  3  3  DG G A . n 
A 1 4  DT 4  4  4  DT T A . n 
A 1 5  DA 5  5  5  DA A A . n 
A 1 6  DT 6  6  6  DT T A . n 
A 1 7  DA 7  7  7  DA A A . n 
A 1 8  DC 8  8  8  DC C A . n 
A 1 9  DG 9  9  9  DG G A . n 
A 1 10 DC 10 10 10 DC C A . n 
B 1 1  DG 1  11 11 DG G B . n 
B 1 2  DC 2  12 12 DC C B . n 
B 1 3  DG 3  13 13 DG G B . n 
B 1 4  DT 4  14 14 DT T B . n 
B 1 5  DA 5  15 15 DA A B . n 
B 1 6  DT 6  16 16 DT T B . n 
B 1 7  DA 7  17 17 DA A B . n 
B 1 8  DC 8  18 18 DC C B . n 
B 1 9  DG 9  19 19 DG G B . n 
B 1 10 DC 10 20 20 DC C B . n 
# 
_cell.entry_id           1D68 
_cell.length_a           1.000 
_cell.length_b           1.000 
_cell.length_c           1.000 
_cell.angle_alpha        90.00 
_cell.angle_beta         90.00 
_cell.angle_gamma        90.00 
_cell.Z_PDB              1 
_cell.pdbx_unique_axis   ? 
# 
_symmetry.entry_id                         1D68 
_symmetry.space_group_name_H-M             'P 1' 
_symmetry.pdbx_full_space_group_name_H-M   ? 
_symmetry.cell_setting                     ? 
_symmetry.Int_Tables_number                1 
# 
_exptl.entry_id          1D68 
_exptl.method            'SOLUTION NMR' 
_exptl.crystals_number   ? 
# 
_struct.entry_id                  1D68 
_struct.title                     'SOLUTION STRUCTURE OF [D(GCGTATACGC)]2' 
_struct.pdbx_model_details        ? 
_struct.pdbx_CASP_flag            ? 
_struct.pdbx_model_type_details   ? 
# 
_struct_keywords.entry_id        1D68 
_struct_keywords.pdbx_keywords   DNA 
_struct_keywords.text            'DNA, DOUBLE HELIX' 
# 
loop_
_struct_asym.id 
_struct_asym.pdbx_blank_PDB_chainid_flag 
_struct_asym.pdbx_modified 
_struct_asym.entity_id 
_struct_asym.details 
A N N 1 ? 
B N N 1 ? 
# 
_struct_ref.id                         1 
_struct_ref.entity_id                  1 
_struct_ref.db_name                    PDB 
_struct_ref.db_code                    1D68 
_struct_ref.pdbx_db_accession          1D68 
_struct_ref.pdbx_db_isoform            ? 
_struct_ref.pdbx_seq_one_letter_code   ? 
_struct_ref.pdbx_align_begin           ? 
# 
loop_
_struct_ref_seq.align_id 
_struct_ref_seq.ref_id 
_struct_ref_seq.pdbx_PDB_id_code 
_struct_ref_seq.pdbx_strand_id 
_struct_ref_seq.seq_align_beg 
_struct_ref_seq.pdbx_seq_align_beg_ins_code 
_struct_ref_seq.seq_align_end 
_struct_ref_seq.pdbx_seq_align_end_ins_code 
_struct_ref_seq.pdbx_db_accession 
_struct_ref_seq.db_align_beg 
_struct_ref_seq.pdbx_db_align_beg_ins_code 
_struct_ref_seq.db_align_end 
_struct_ref_seq.pdbx_db_align_end_ins_code 
_struct_ref_seq.pdbx_auth_seq_align_beg 
_struct_ref_seq.pdbx_auth_seq_align_end 
1 1 1D68 A 1 ? 10 ? 1D68 1  ? 10 ? 1  10 
2 1 1D68 B 1 ? 10 ? 1D68 11 ? 20 ? 11 20 
# 
_pdbx_struct_assembly.id                   1 
_pdbx_struct_assembly.details              author_defined_assembly 
_pdbx_struct_assembly.method_details       ? 
_pdbx_struct_assembly.oligomeric_details   dimeric 
_pdbx_struct_assembly.oligomeric_count     2 
# 
_pdbx_struct_assembly_gen.assembly_id       1 
_pdbx_struct_assembly_gen.oper_expression   1 
_pdbx_struct_assembly_gen.asym_id_list      A,B 
# 
_pdbx_struct_oper_list.id                   1 
_pdbx_struct_oper_list.type                 'identity operation' 
_pdbx_struct_oper_list.name                 1_555 
_pdbx_struct_oper_list.symmetry_operation   x,y,z 
_pdbx_struct_oper_list.matrix[1][1]         1.0000000000 
_pdbx_struct_oper_list.matrix[1][2]         0.0000000000 
_pdbx_struct_oper_list.matrix[1][3]         0.0000000000 
_pdbx_struct_oper_list.vector[1]            0.0000000000 
_pdbx_struct_oper_list.matrix[2][1]         0.0000000000 
_pdbx_struct_oper_list.matrix[2][2]         1.0000000000 
_pdbx_struct_oper_list.matrix[2][3]         0.0000000000 
_pdbx_struct_oper_list.vector[2]            0.0000000000 
_pdbx_struct_oper_list.matrix[3][1]         0.0000000000 
_pdbx_struct_oper_list.matrix[3][2]         0.0000000000 
_pdbx_struct_oper_list.matrix[3][3]         1.0000000000 
_pdbx_struct_oper_list.vector[3]            0.0000000000 
# 
_struct_biol.id   1 
# 
loop_
_struct_conn.id 
_struct_conn.conn_type_id 
_struct_conn.pdbx_leaving_atom_flag 
_struct_conn.pdbx_PDB_id 
_struct_conn.ptnr1_label_asym_id 
_struct_conn.ptnr1_label_comp_id 
_struct_conn.ptnr1_label_seq_id 
_struct_conn.ptnr1_label_atom_id 
_struct_conn.pdbx_ptnr1_label_alt_id 
_struct_conn.pdbx_ptnr1_PDB_ins_code 
_struct_conn.pdbx_ptnr1_standard_comp_id 
_struct_conn.ptnr1_symmetry 
_struct_conn.ptnr2_label_asym_id 
_struct_conn.ptnr2_label_comp_id 
_struct_conn.ptnr2_label_seq_id 
_struct_conn.ptnr2_label_atom_id 
_struct_conn.pdbx_ptnr2_label_alt_id 
_struct_conn.pdbx_ptnr2_PDB_ins_code 
_struct_conn.ptnr1_auth_asym_id 
_struct_conn.ptnr1_auth_comp_id 
_struct_conn.ptnr1_auth_seq_id 
_struct_conn.ptnr2_auth_asym_id 
_struct_conn.ptnr2_auth_comp_id 
_struct_conn.ptnr2_auth_seq_id 
_struct_conn.ptnr2_symmetry 
_struct_conn.pdbx_ptnr3_label_atom_id 
_struct_conn.pdbx_ptnr3_label_seq_id 
_struct_conn.pdbx_ptnr3_label_comp_id 
_struct_conn.pdbx_ptnr3_label_asym_id 
_struct_conn.pdbx_ptnr3_label_alt_id 
_struct_conn.pdbx_ptnr3_PDB_ins_code 
_struct_conn.details 
_struct_conn.pdbx_dist_value 
_struct_conn.pdbx_value_order 
_struct_conn.pdbx_role 
hydrog1  hydrog ? ? A DG 1  N1 ? ? ? 1_555 B DC 10 N3 ? ? A DG 1  B DC 20 1_555 ? ? ? ? ? ? WATSON-CRICK ? ? ? 
hydrog2  hydrog ? ? A DG 1  N2 ? ? ? 1_555 B DC 10 O2 ? ? A DG 1  B DC 20 1_555 ? ? ? ? ? ? WATSON-CRICK ? ? ? 
hydrog3  hydrog ? ? A DG 1  O6 ? ? ? 1_555 B DC 10 N4 ? ? A DG 1  B DC 20 1_555 ? ? ? ? ? ? WATSON-CRICK ? ? ? 
hydrog4  hydrog ? ? A DC 2  N3 ? ? ? 1_555 B DG 9  N1 ? ? A DC 2  B DG 19 1_555 ? ? ? ? ? ? WATSON-CRICK ? ? ? 
hydrog5  hydrog ? ? A DC 2  N4 ? ? ? 1_555 B DG 9  O6 ? ? A DC 2  B DG 19 1_555 ? ? ? ? ? ? WATSON-CRICK ? ? ? 
hydrog6  hydrog ? ? A DC 2  O2 ? ? ? 1_555 B DG 9  N2 ? ? A DC 2  B DG 19 1_555 ? ? ? ? ? ? WATSON-CRICK ? ? ? 
hydrog7  hydrog ? ? A DG 3  N1 ? ? ? 1_555 B DC 8  N3 ? ? A DG 3  B DC 18 1_555 ? ? ? ? ? ? WATSON-CRICK ? ? ? 
hydrog8  hydrog ? ? A DG 3  N2 ? ? ? 1_555 B DC 8  O2 ? ? A DG 3  B DC 18 1_555 ? ? ? ? ? ? WATSON-CRICK ? ? ? 
hydrog9  hydrog ? ? A DG 3  O6 ? ? ? 1_555 B DC 8  N4 ? ? A DG 3  B DC 18 1_555 ? ? ? ? ? ? WATSON-CRICK ? ? ? 
hydrog10 hydrog ? ? A DT 4  N3 ? ? ? 1_555 B DA 7  N1 ? ? A DT 4  B DA 17 1_555 ? ? ? ? ? ? WATSON-CRICK ? ? ? 
hydrog11 hydrog ? ? A DT 4  O4 ? ? ? 1_555 B DA 7  N6 ? ? A DT 4  B DA 17 1_555 ? ? ? ? ? ? WATSON-CRICK ? ? ? 
hydrog12 hydrog ? ? A DA 5  N1 ? ? ? 1_555 B DT 6  N3 ? ? A DA 5  B DT 16 1_555 ? ? ? ? ? ? WATSON-CRICK ? ? ? 
hydrog13 hydrog ? ? A DA 5  N6 ? ? ? 1_555 B DT 6  O4 ? ? A DA 5  B DT 16 1_555 ? ? ? ? ? ? WATSON-CRICK ? ? ? 
hydrog14 hydrog ? ? A DT 6  N3 ? ? ? 1_555 B DA 5  N1 ? ? A DT 6  B DA 15 1_555 ? ? ? ? ? ? WATSON-CRICK ? ? ? 
hydrog15 hydrog ? ? A DT 6  O4 ? ? ? 1_555 B DA 5  N6 ? ? A DT 6  B DA 15 1_555 ? ? ? ? ? ? WATSON-CRICK ? ? ? 
hydrog16 hydrog ? ? A DA 7  N1 ? ? ? 1_555 B DT 4  N3 ? ? A DA 7  B DT 14 1_555 ? ? ? ? ? ? WATSON-CRICK ? ? ? 
hydrog17 hydrog ? ? A DA 7  N6 ? ? ? 1_555 B DT 4  O4 ? ? A DA 7  B DT 14 1_555 ? ? ? ? ? ? WATSON-CRICK ? ? ? 
hydrog18 hydrog ? ? A DC 8  N3 ? ? ? 1_555 B DG 3  N1 ? ? A DC 8  B DG 13 1_555 ? ? ? ? ? ? WATSON-CRICK ? ? ? 
hydrog19 hydrog ? ? A DC 8  N4 ? ? ? 1_555 B DG 3  O6 ? ? A DC 8  B DG 13 1_555 ? ? ? ? ? ? WATSON-CRICK ? ? ? 
hydrog20 hydrog ? ? A DC 8  O2 ? ? ? 1_555 B DG 3  N2 ? ? A DC 8  B DG 13 1_555 ? ? ? ? ? ? WATSON-CRICK ? ? ? 
hydrog21 hydrog ? ? A DG 9  N1 ? ? ? 1_555 B DC 2  N3 ? ? A DG 9  B DC 12 1_555 ? ? ? ? ? ? WATSON-CRICK ? ? ? 
hydrog22 hydrog ? ? A DG 9  N2 ? ? ? 1_555 B DC 2  O2 ? ? A DG 9  B DC 12 1_555 ? ? ? ? ? ? WATSON-CRICK ? ? ? 
hydrog23 hydrog ? ? A DG 9  O6 ? ? ? 1_555 B DC 2  N4 ? ? A DG 9  B DC 12 1_555 ? ? ? ? ? ? WATSON-CRICK ? ? ? 
hydrog24 hydrog ? ? A DC 10 N3 ? ? ? 1_555 B DG 1  N1 ? ? A DC 10 B DG 11 1_555 ? ? ? ? ? ? WATSON-CRICK ? ? ? 
hydrog25 hydrog ? ? A DC 10 N4 ? ? ? 1_555 B DG 1  O6 ? ? A DC 10 B DG 11 1_555 ? ? ? ? ? ? WATSON-CRICK ? ? ? 
hydrog26 hydrog ? ? A DC 10 O2 ? ? ? 1_555 B DG 1  N2 ? ? A DC 10 B DG 11 1_555 ? ? ? ? ? ? WATSON-CRICK ? ? ? 
# 
_struct_conn_type.id          hydrog 
_struct_conn_type.criteria    ? 
_struct_conn_type.reference   ? 
# 
loop_
_pdbx_validate_rmsd_bond.id 
_pdbx_validate_rmsd_bond.PDB_model_num 
_pdbx_validate_rmsd_bond.auth_atom_id_1 
_pdbx_validate_rmsd_bond.auth_asym_id_1 
_pdbx_validate_rmsd_bond.auth_comp_id_1 
_pdbx_validate_rmsd_bond.auth_seq_id_1 
_pdbx_validate_rmsd_bond.PDB_ins_code_1 
_pdbx_validate_rmsd_bond.label_alt_id_1 
_pdbx_validate_rmsd_bond.auth_atom_id_2 
_pdbx_validate_rmsd_bond.auth_asym_id_2 
_pdbx_validate_rmsd_bond.auth_comp_id_2 
_pdbx_validate_rmsd_bond.auth_seq_id_2 
_pdbx_validate_rmsd_bond.PDB_ins_code_2 
_pdbx_validate_rmsd_bond.label_alt_id_2 
_pdbx_validate_rmsd_bond.bond_value 
_pdbx_validate_rmsd_bond.bond_target_value 
_pdbx_validate_rmsd_bond.bond_deviation 
_pdbx_validate_rmsd_bond.bond_standard_deviation 
_pdbx_validate_rmsd_bond.linker_flag 
1  1 P     A DG 1  ? ? OP2   A DG 1  ? ? 1.600 1.485 0.115  0.017 N 
2  1 P     A DG 1  ? ? OP3   A DG 1  ? ? 1.480 1.607 -0.127 0.012 N 
3  1 "O3'" A DG 1  ? ? "C3'" A DG 1  ? ? 1.380 1.419 -0.039 0.006 N 
4  1 C5    A DT 4  ? ? C6    A DT 4  ? ? 1.394 1.339 0.055  0.007 N 
5  1 C5    A DT 6  ? ? C6    A DT 6  ? ? 1.392 1.339 0.053  0.007 N 
6  1 "O3'" A DA 7  ? ? "C3'" A DA 7  ? ? 1.376 1.419 -0.043 0.006 N 
7  1 P     B DG 11 ? ? OP2   B DG 11 ? ? 1.600 1.485 0.115  0.017 N 
8  1 P     B DG 11 ? ? OP3   B DG 11 ? ? 1.481 1.607 -0.126 0.012 N 
9  1 "O3'" B DG 11 ? ? "C3'" B DG 11 ? ? 1.383 1.419 -0.036 0.006 N 
10 1 C5    B DT 14 ? ? C6    B DT 14 ? ? 1.394 1.339 0.055  0.007 N 
11 1 "O3'" B DA 15 ? ? "C3'" B DA 15 ? ? 1.383 1.419 -0.036 0.006 N 
12 1 C5    B DT 16 ? ? C6    B DT 16 ? ? 1.393 1.339 0.054  0.007 N 
13 1 "O3'" B DA 17 ? ? "C3'" B DA 17 ? ? 1.376 1.419 -0.043 0.006 N 
# 
loop_
_pdbx_validate_rmsd_angle.id 
_pdbx_validate_rmsd_angle.PDB_model_num 
_pdbx_validate_rmsd_angle.auth_atom_id_1 
_pdbx_validate_rmsd_angle.auth_asym_id_1 
_pdbx_validate_rmsd_angle.auth_comp_id_1 
_pdbx_validate_rmsd_angle.auth_seq_id_1 
_pdbx_validate_rmsd_angle.PDB_ins_code_1 
_pdbx_validate_rmsd_angle.label_alt_id_1 
_pdbx_validate_rmsd_angle.auth_atom_id_2 
_pdbx_validate_rmsd_angle.auth_asym_id_2 
_pdbx_validate_rmsd_angle.auth_comp_id_2 
_pdbx_validate_rmsd_angle.auth_seq_id_2 
_pdbx_validate_rmsd_angle.PDB_ins_code_2 
_pdbx_validate_rmsd_angle.label_alt_id_2 
_pdbx_validate_rmsd_angle.auth_atom_id_3 
_pdbx_validate_rmsd_angle.auth_asym_id_3 
_pdbx_validate_rmsd_angle.auth_comp_id_3 
_pdbx_validate_rmsd_angle.auth_seq_id_3 
_pdbx_validate_rmsd_angle.PDB_ins_code_3 
_pdbx_validate_rmsd_angle.label_alt_id_3 
_pdbx_validate_rmsd_angle.angle_value 
_pdbx_validate_rmsd_angle.angle_target_value 
_pdbx_validate_rmsd_angle.angle_deviation 
_pdbx_validate_rmsd_angle.angle_standard_deviation 
_pdbx_validate_rmsd_angle.linker_flag 
1  1 OP1   A DG 1  ? ? P     A DG 1  ? ? OP2 A DG 1  ? ? 109.32 119.60 -10.28 1.50 N 
2  1 "C3'" A DG 1  ? ? "O3'" A DG 1  ? ? P   A DC 2  ? ? 131.75 119.70 12.05  1.20 Y 
3  1 "C3'" A DG 3  ? ? "O3'" A DG 3  ? ? P   A DT 4  ? ? 128.78 119.70 9.08   1.20 Y 
4  1 N1    A DT 4  ? ? C2    A DT 4  ? ? N3  A DT 4  ? ? 118.26 114.60 3.66   0.60 N 
5  1 C2    A DT 4  ? ? N3    A DT 4  ? ? C4  A DT 4  ? ? 122.67 127.20 -4.53  0.60 N 
6  1 C5    A DT 4  ? ? C6    A DT 4  ? ? N1  A DT 4  ? ? 119.84 123.70 -3.86  0.60 N 
7  1 "C3'" A DT 4  ? ? "O3'" A DT 4  ? ? P   A DA 5  ? ? 127.12 119.70 7.42   1.20 Y 
8  1 "O4'" A DA 5  ? ? "C1'" A DA 5  ? ? N9  A DA 5  ? ? 101.76 108.00 -6.24  0.70 N 
9  1 "C3'" A DA 5  ? ? "O3'" A DA 5  ? ? P   A DT 6  ? ? 132.21 119.70 12.51  1.20 Y 
10 1 N1    A DT 6  ? ? C2    A DT 6  ? ? N3  A DT 6  ? ? 118.30 114.60 3.70   0.60 N 
11 1 C2    A DT 6  ? ? N3    A DT 6  ? ? C4  A DT 6  ? ? 122.84 127.20 -4.35  0.60 N 
12 1 C5    A DT 6  ? ? C6    A DT 6  ? ? N1  A DT 6  ? ? 119.95 123.70 -3.75  0.60 N 
13 1 "C3'" A DT 6  ? ? "O3'" A DT 6  ? ? P   A DA 7  ? ? 129.58 119.70 9.88   1.20 Y 
14 1 "C3'" A DA 7  ? ? "O3'" A DA 7  ? ? P   A DC 8  ? ? 132.52 119.70 12.82  1.20 Y 
15 1 "C3'" A DC 8  ? ? "O3'" A DC 8  ? ? P   A DG 9  ? ? 127.18 119.70 7.48   1.20 Y 
16 1 OP1   B DG 11 ? ? P     B DG 11 ? ? OP2 B DG 11 ? ? 109.35 119.60 -10.25 1.50 N 
17 1 "C3'" B DG 11 ? ? "O3'" B DG 11 ? ? P   B DC 12 ? ? 131.76 119.70 12.06  1.20 Y 
18 1 "C3'" B DG 13 ? ? "O3'" B DG 13 ? ? P   B DT 14 ? ? 128.73 119.70 9.03   1.20 Y 
19 1 N1    B DT 14 ? ? C2    B DT 14 ? ? N3  B DT 14 ? ? 118.32 114.60 3.72   0.60 N 
20 1 C2    B DT 14 ? ? N3    B DT 14 ? ? C4  B DT 14 ? ? 122.64 127.20 -4.56  0.60 N 
21 1 C5    B DT 14 ? ? C6    B DT 14 ? ? N1  B DT 14 ? ? 119.82 123.70 -3.88  0.60 N 
22 1 "C3'" B DT 14 ? ? "O3'" B DT 14 ? ? P   B DA 15 ? ? 127.08 119.70 7.38   1.20 Y 
23 1 "O4'" B DA 15 ? ? "C1'" B DA 15 ? ? N9  B DA 15 ? ? 101.87 108.00 -6.13  0.70 N 
24 1 "C3'" B DA 15 ? ? "O3'" B DA 15 ? ? P   B DT 16 ? ? 132.17 119.70 12.47  1.20 Y 
25 1 N1    B DT 16 ? ? C2    B DT 16 ? ? N3  B DT 16 ? ? 118.36 114.60 3.76   0.60 N 
26 1 C2    B DT 16 ? ? N3    B DT 16 ? ? C4  B DT 16 ? ? 122.82 127.20 -4.38  0.60 N 
27 1 C5    B DT 16 ? ? C6    B DT 16 ? ? N1  B DT 16 ? ? 119.96 123.70 -3.74  0.60 N 
28 1 "C3'" B DT 16 ? ? "O3'" B DT 16 ? ? P   B DA 17 ? ? 129.57 119.70 9.87   1.20 Y 
29 1 "C3'" B DA 17 ? ? "O3'" B DA 17 ? ? P   B DC 18 ? ? 132.50 119.70 12.80  1.20 Y 
30 1 "C3'" B DC 18 ? ? "O3'" B DC 18 ? ? P   B DG 19 ? ? 127.12 119.70 7.42   1.20 Y 
# 
loop_
_pdbx_validate_planes.id 
_pdbx_validate_planes.PDB_model_num 
_pdbx_validate_planes.auth_comp_id 
_pdbx_validate_planes.auth_asym_id 
_pdbx_validate_planes.auth_seq_id 
_pdbx_validate_planes.PDB_ins_code 
_pdbx_validate_planes.label_alt_id 
_pdbx_validate_planes.rmsd 
_pdbx_validate_planes.type 
1 1 DA A 5  ? ? 0.061 'SIDE CHAIN' 
2 1 DG A 9  ? ? 0.059 'SIDE CHAIN' 
3 1 DA B 15 ? ? 0.062 'SIDE CHAIN' 
4 1 DG B 19 ? ? 0.059 'SIDE CHAIN' 
# 
_pdbx_nmr_ensemble.entry_id                                      1D68 
_pdbx_nmr_ensemble.conformers_calculated_total_number            ? 
_pdbx_nmr_ensemble.conformers_submitted_total_number             1 
_pdbx_nmr_ensemble.conformer_selection_criteria                  ? 
_pdbx_nmr_ensemble.average_constraints_per_residue               ? 
_pdbx_nmr_ensemble.average_constraint_violations_per_residue     ? 
_pdbx_nmr_ensemble.maximum_distance_constraint_violation         ? 
_pdbx_nmr_ensemble.average_distance_constraint_violation         ? 
_pdbx_nmr_ensemble.maximum_upper_distance_constraint_violation   ? 
_pdbx_nmr_ensemble.maximum_lower_distance_constraint_violation   ? 
_pdbx_nmr_ensemble.distance_constraint_violation_method          ? 
_pdbx_nmr_ensemble.maximum_torsion_angle_constraint_violation    ? 
_pdbx_nmr_ensemble.average_torsion_angle_constraint_violation    ? 
_pdbx_nmr_ensemble.torsion_angle_constraint_violation_method     ? 
# 
loop_
_chem_comp_atom.comp_id 
_chem_comp_atom.atom_id 
_chem_comp_atom.type_symbol 
_chem_comp_atom.pdbx_aromatic_flag 
_chem_comp_atom.pdbx_stereo_config 
_chem_comp_atom.pdbx_ordinal 
DA OP3    O N N 1   
DA P      P N N 2   
DA OP1    O N N 3   
DA OP2    O N N 4   
DA "O5'"  O N N 5   
DA "C5'"  C N N 6   
DA "C4'"  C N R 7   
DA "O4'"  O N N 8   
DA "C3'"  C N S 9   
DA "O3'"  O N N 10  
DA "C2'"  C N N 11  
DA "C1'"  C N R 12  
DA N9     N Y N 13  
DA C8     C Y N 14  
DA N7     N Y N 15  
DA C5     C Y N 16  
DA C6     C Y N 17  
DA N6     N N N 18  
DA N1     N Y N 19  
DA C2     C Y N 20  
DA N3     N Y N 21  
DA C4     C Y N 22  
DA HOP3   H N N 23  
DA HOP2   H N N 24  
DA "H5'"  H N N 25  
DA "H5''" H N N 26  
DA "H4'"  H N N 27  
DA "H3'"  H N N 28  
DA "HO3'" H N N 29  
DA "H2'"  H N N 30  
DA "H2''" H N N 31  
DA "H1'"  H N N 32  
DA H8     H N N 33  
DA H61    H N N 34  
DA H62    H N N 35  
DA H2     H N N 36  
DC OP3    O N N 37  
DC P      P N N 38  
DC OP1    O N N 39  
DC OP2    O N N 40  
DC "O5'"  O N N 41  
DC "C5'"  C N N 42  
DC "C4'"  C N R 43  
DC "O4'"  O N N 44  
DC "C3'"  C N S 45  
DC "O3'"  O N N 46  
DC "C2'"  C N N 47  
DC "C1'"  C N R 48  
DC N1     N N N 49  
DC C2     C N N 50  
DC O2     O N N 51  
DC N3     N N N 52  
DC C4     C N N 53  
DC N4     N N N 54  
DC C5     C N N 55  
DC C6     C N N 56  
DC HOP3   H N N 57  
DC HOP2   H N N 58  
DC "H5'"  H N N 59  
DC "H5''" H N N 60  
DC "H4'"  H N N 61  
DC "H3'"  H N N 62  
DC "HO3'" H N N 63  
DC "H2'"  H N N 64  
DC "H2''" H N N 65  
DC "H1'"  H N N 66  
DC H41    H N N 67  
DC H42    H N N 68  
DC H5     H N N 69  
DC H6     H N N 70  
DG OP3    O N N 71  
DG P      P N N 72  
DG OP1    O N N 73  
DG OP2    O N N 74  
DG "O5'"  O N N 75  
DG "C5'"  C N N 76  
DG "C4'"  C N R 77  
DG "O4'"  O N N 78  
DG "C3'"  C N S 79  
DG "O3'"  O N N 80  
DG "C2'"  C N N 81  
DG "C1'"  C N R 82  
DG N9     N Y N 83  
DG C8     C Y N 84  
DG N7     N Y N 85  
DG C5     C Y N 86  
DG C6     C N N 87  
DG O6     O N N 88  
DG N1     N N N 89  
DG C2     C N N 90  
DG N2     N N N 91  
DG N3     N N N 92  
DG C4     C Y N 93  
DG HOP3   H N N 94  
DG HOP2   H N N 95  
DG "H5'"  H N N 96  
DG "H5''" H N N 97  
DG "H4'"  H N N 98  
DG "H3'"  H N N 99  
DG "HO3'" H N N 100 
DG "H2'"  H N N 101 
DG "H2''" H N N 102 
DG "H1'"  H N N 103 
DG H8     H N N 104 
DG H1     H N N 105 
DG H21    H N N 106 
DG H22    H N N 107 
DT OP3    O N N 108 
DT P      P N N 109 
DT OP1    O N N 110 
DT OP2    O N N 111 
DT "O5'"  O N N 112 
DT "C5'"  C N N 113 
DT "C4'"  C N R 114 
DT "O4'"  O N N 115 
DT "C3'"  C N S 116 
DT "O3'"  O N N 117 
DT "C2'"  C N N 118 
DT "C1'"  C N R 119 
DT N1     N N N 120 
DT C2     C N N 121 
DT O2     O N N 122 
DT N3     N N N 123 
DT C4     C N N 124 
DT O4     O N N 125 
DT C5     C N N 126 
DT C7     C N N 127 
DT C6     C N N 128 
DT HOP3   H N N 129 
DT HOP2   H N N 130 
DT "H5'"  H N N 131 
DT "H5''" H N N 132 
DT "H4'"  H N N 133 
DT "H3'"  H N N 134 
DT "HO3'" H N N 135 
DT "H2'"  H N N 136 
DT "H2''" H N N 137 
DT "H1'"  H N N 138 
DT H3     H N N 139 
DT H71    H N N 140 
DT H72    H N N 141 
DT H73    H N N 142 
DT H6     H N N 143 
# 
loop_
_chem_comp_bond.comp_id 
_chem_comp_bond.atom_id_1 
_chem_comp_bond.atom_id_2 
_chem_comp_bond.value_order 
_chem_comp_bond.pdbx_aromatic_flag 
_chem_comp_bond.pdbx_stereo_config 
_chem_comp_bond.pdbx_ordinal 
DA OP3   P      sing N N 1   
DA OP3   HOP3   sing N N 2   
DA P     OP1    doub N N 3   
DA P     OP2    sing N N 4   
DA P     "O5'"  sing N N 5   
DA OP2   HOP2   sing N N 6   
DA "O5'" "C5'"  sing N N 7   
DA "C5'" "C4'"  sing N N 8   
DA "C5'" "H5'"  sing N N 9   
DA "C5'" "H5''" sing N N 10  
DA "C4'" "O4'"  sing N N 11  
DA "C4'" "C3'"  sing N N 12  
DA "C4'" "H4'"  sing N N 13  
DA "O4'" "C1'"  sing N N 14  
DA "C3'" "O3'"  sing N N 15  
DA "C3'" "C2'"  sing N N 16  
DA "C3'" "H3'"  sing N N 17  
DA "O3'" "HO3'" sing N N 18  
DA "C2'" "C1'"  sing N N 19  
DA "C2'" "H2'"  sing N N 20  
DA "C2'" "H2''" sing N N 21  
DA "C1'" N9     sing N N 22  
DA "C1'" "H1'"  sing N N 23  
DA N9    C8     sing Y N 24  
DA N9    C4     sing Y N 25  
DA C8    N7     doub Y N 26  
DA C8    H8     sing N N 27  
DA N7    C5     sing Y N 28  
DA C5    C6     sing Y N 29  
DA C5    C4     doub Y N 30  
DA C6    N6     sing N N 31  
DA C6    N1     doub Y N 32  
DA N6    H61    sing N N 33  
DA N6    H62    sing N N 34  
DA N1    C2     sing Y N 35  
DA C2    N3     doub Y N 36  
DA C2    H2     sing N N 37  
DA N3    C4     sing Y N 38  
DC OP3   P      sing N N 39  
DC OP3   HOP3   sing N N 40  
DC P     OP1    doub N N 41  
DC P     OP2    sing N N 42  
DC P     "O5'"  sing N N 43  
DC OP2   HOP2   sing N N 44  
DC "O5'" "C5'"  sing N N 45  
DC "C5'" "C4'"  sing N N 46  
DC "C5'" "H5'"  sing N N 47  
DC "C5'" "H5''" sing N N 48  
DC "C4'" "O4'"  sing N N 49  
DC "C4'" "C3'"  sing N N 50  
DC "C4'" "H4'"  sing N N 51  
DC "O4'" "C1'"  sing N N 52  
DC "C3'" "O3'"  sing N N 53  
DC "C3'" "C2'"  sing N N 54  
DC "C3'" "H3'"  sing N N 55  
DC "O3'" "HO3'" sing N N 56  
DC "C2'" "C1'"  sing N N 57  
DC "C2'" "H2'"  sing N N 58  
DC "C2'" "H2''" sing N N 59  
DC "C1'" N1     sing N N 60  
DC "C1'" "H1'"  sing N N 61  
DC N1    C2     sing N N 62  
DC N1    C6     sing N N 63  
DC C2    O2     doub N N 64  
DC C2    N3     sing N N 65  
DC N3    C4     doub N N 66  
DC C4    N4     sing N N 67  
DC C4    C5     sing N N 68  
DC N4    H41    sing N N 69  
DC N4    H42    sing N N 70  
DC C5    C6     doub N N 71  
DC C5    H5     sing N N 72  
DC C6    H6     sing N N 73  
DG OP3   P      sing N N 74  
DG OP3   HOP3   sing N N 75  
DG P     OP1    doub N N 76  
DG P     OP2    sing N N 77  
DG P     "O5'"  sing N N 78  
DG OP2   HOP2   sing N N 79  
DG "O5'" "C5'"  sing N N 80  
DG "C5'" "C4'"  sing N N 81  
DG "C5'" "H5'"  sing N N 82  
DG "C5'" "H5''" sing N N 83  
DG "C4'" "O4'"  sing N N 84  
DG "C4'" "C3'"  sing N N 85  
DG "C4'" "H4'"  sing N N 86  
DG "O4'" "C1'"  sing N N 87  
DG "C3'" "O3'"  sing N N 88  
DG "C3'" "C2'"  sing N N 89  
DG "C3'" "H3'"  sing N N 90  
DG "O3'" "HO3'" sing N N 91  
DG "C2'" "C1'"  sing N N 92  
DG "C2'" "H2'"  sing N N 93  
DG "C2'" "H2''" sing N N 94  
DG "C1'" N9     sing N N 95  
DG "C1'" "H1'"  sing N N 96  
DG N9    C8     sing Y N 97  
DG N9    C4     sing Y N 98  
DG C8    N7     doub Y N 99  
DG C8    H8     sing N N 100 
DG N7    C5     sing Y N 101 
DG C5    C6     sing N N 102 
DG C5    C4     doub Y N 103 
DG C6    O6     doub N N 104 
DG C6    N1     sing N N 105 
DG N1    C2     sing N N 106 
DG N1    H1     sing N N 107 
DG C2    N2     sing N N 108 
DG C2    N3     doub N N 109 
DG N2    H21    sing N N 110 
DG N2    H22    sing N N 111 
DG N3    C4     sing N N 112 
DT OP3   P      sing N N 113 
DT OP3   HOP3   sing N N 114 
DT P     OP1    doub N N 115 
DT P     OP2    sing N N 116 
DT P     "O5'"  sing N N 117 
DT OP2   HOP2   sing N N 118 
DT "O5'" "C5'"  sing N N 119 
DT "C5'" "C4'"  sing N N 120 
DT "C5'" "H5'"  sing N N 121 
DT "C5'" "H5''" sing N N 122 
DT "C4'" "O4'"  sing N N 123 
DT "C4'" "C3'"  sing N N 124 
DT "C4'" "H4'"  sing N N 125 
DT "O4'" "C1'"  sing N N 126 
DT "C3'" "O3'"  sing N N 127 
DT "C3'" "C2'"  sing N N 128 
DT "C3'" "H3'"  sing N N 129 
DT "O3'" "HO3'" sing N N 130 
DT "C2'" "C1'"  sing N N 131 
DT "C2'" "H2'"  sing N N 132 
DT "C2'" "H2''" sing N N 133 
DT "C1'" N1     sing N N 134 
DT "C1'" "H1'"  sing N N 135 
DT N1    C2     sing N N 136 
DT N1    C6     sing N N 137 
DT C2    O2     doub N N 138 
DT C2    N3     sing N N 139 
DT N3    C4     sing N N 140 
DT N3    H3     sing N N 141 
DT C4    O4     doub N N 142 
DT C4    C5     sing N N 143 
DT C5    C7     sing N N 144 
DT C5    C6     doub N N 145 
DT C7    H71    sing N N 146 
DT C7    H72    sing N N 147 
DT C7    H73    sing N N 148 
DT C6    H6     sing N N 149 
# 
loop_
_ndb_struct_conf_na.entry_id 
_ndb_struct_conf_na.feature 
1D68 'double helix'        
1D68 'b-form double helix' 
# 
loop_
_ndb_struct_na_base_pair.model_number 
_ndb_struct_na_base_pair.i_label_asym_id 
_ndb_struct_na_base_pair.i_label_comp_id 
_ndb_struct_na_base_pair.i_label_seq_id 
_ndb_struct_na_base_pair.i_symmetry 
_ndb_struct_na_base_pair.j_label_asym_id 
_ndb_struct_na_base_pair.j_label_comp_id 
_ndb_struct_na_base_pair.j_label_seq_id 
_ndb_struct_na_base_pair.j_symmetry 
_ndb_struct_na_base_pair.shear 
_ndb_struct_na_base_pair.stretch 
_ndb_struct_na_base_pair.stagger 
_ndb_struct_na_base_pair.buckle 
_ndb_struct_na_base_pair.propeller 
_ndb_struct_na_base_pair.opening 
_ndb_struct_na_base_pair.pair_number 
_ndb_struct_na_base_pair.pair_name 
_ndb_struct_na_base_pair.i_auth_asym_id 
_ndb_struct_na_base_pair.i_auth_seq_id 
_ndb_struct_na_base_pair.i_PDB_ins_code 
_ndb_struct_na_base_pair.j_auth_asym_id 
_ndb_struct_na_base_pair.j_auth_seq_id 
_ndb_struct_na_base_pair.j_PDB_ins_code 
_ndb_struct_na_base_pair.hbond_type_28 
_ndb_struct_na_base_pair.hbond_type_12 
1 A DG 1  1_555 B DC 10 1_555 -0.181 -0.189 0.303  13.839  24.076  -0.714 1  A_DG1:DC20_B  A 1  ? B 20 ? 19 1 
1 A DC 2  1_555 B DG 9  1_555 0.220  -0.161 -0.309 8.631   -6.988  -1.026 2  A_DC2:DG19_B  A 2  ? B 19 ? 19 1 
1 A DG 3  1_555 B DC 8  1_555 -0.237 -0.162 0.331  10.162  -2.141  -1.276 3  A_DG3:DC18_B  A 3  ? B 18 ? 19 1 
1 A DT 4  1_555 B DA 7  1_555 -0.010 -0.066 -0.127 7.071   -16.130 -2.223 4  A_DT4:DA17_B  A 4  ? B 17 ? 20 1 
1 A DA 5  1_555 B DT 6  1_555 -0.015 -0.097 0.183  0.298   -11.212 -1.437 5  A_DA5:DT16_B  A 5  ? B 16 ? 20 1 
1 A DT 6  1_555 B DA 5  1_555 0.014  -0.097 0.180  -0.259  -11.209 -1.427 6  A_DT6:DA15_B  A 6  ? B 15 ? 20 1 
1 A DA 7  1_555 B DT 4  1_555 0.009  -0.067 -0.128 -7.096  -16.140 -2.181 7  A_DA7:DT14_B  A 7  ? B 14 ? 20 1 
1 A DC 8  1_555 B DG 3  1_555 0.239  -0.162 0.333  -10.171 -2.169  -1.243 8  A_DC8:DG13_B  A 8  ? B 13 ? 19 1 
1 A DG 9  1_555 B DC 2  1_555 -0.220 -0.160 -0.309 -8.667  -7.025  -1.009 9  A_DG9:DC12_B  A 9  ? B 12 ? 19 1 
1 A DC 10 1_555 B DG 1  1_555 0.182  -0.188 0.302  -13.875 24.086  -0.724 10 A_DC10:DG11_B A 10 ? B 11 ? 19 1 
# 
loop_
_ndb_struct_na_base_pair_step.model_number 
_ndb_struct_na_base_pair_step.i_label_asym_id_1 
_ndb_struct_na_base_pair_step.i_label_comp_id_1 
_ndb_struct_na_base_pair_step.i_label_seq_id_1 
_ndb_struct_na_base_pair_step.i_symmetry_1 
_ndb_struct_na_base_pair_step.j_label_asym_id_1 
_ndb_struct_na_base_pair_step.j_label_comp_id_1 
_ndb_struct_na_base_pair_step.j_label_seq_id_1 
_ndb_struct_na_base_pair_step.j_symmetry_1 
_ndb_struct_na_base_pair_step.i_label_asym_id_2 
_ndb_struct_na_base_pair_step.i_label_comp_id_2 
_ndb_struct_na_base_pair_step.i_label_seq_id_2 
_ndb_struct_na_base_pair_step.i_symmetry_2 
_ndb_struct_na_base_pair_step.j_label_asym_id_2 
_ndb_struct_na_base_pair_step.j_label_comp_id_2 
_ndb_struct_na_base_pair_step.j_label_seq_id_2 
_ndb_struct_na_base_pair_step.j_symmetry_2 
_ndb_struct_na_base_pair_step.shift 
_ndb_struct_na_base_pair_step.slide 
_ndb_struct_na_base_pair_step.rise 
_ndb_struct_na_base_pair_step.tilt 
_ndb_struct_na_base_pair_step.roll 
_ndb_struct_na_base_pair_step.twist 
_ndb_struct_na_base_pair_step.x_displacement 
_ndb_struct_na_base_pair_step.y_displacement 
_ndb_struct_na_base_pair_step.helical_rise 
_ndb_struct_na_base_pair_step.inclination 
_ndb_struct_na_base_pair_step.tip 
_ndb_struct_na_base_pair_step.helical_twist 
_ndb_struct_na_base_pair_step.step_number 
_ndb_struct_na_base_pair_step.step_name 
_ndb_struct_na_base_pair_step.i_auth_asym_id_1 
_ndb_struct_na_base_pair_step.i_auth_seq_id_1 
_ndb_struct_na_base_pair_step.i_PDB_ins_code_1 
_ndb_struct_na_base_pair_step.j_auth_asym_id_1 
_ndb_struct_na_base_pair_step.j_auth_seq_id_1 
_ndb_struct_na_base_pair_step.j_PDB_ins_code_1 
_ndb_struct_na_base_pair_step.i_auth_asym_id_2 
_ndb_struct_na_base_pair_step.i_auth_seq_id_2 
_ndb_struct_na_base_pair_step.i_PDB_ins_code_2 
_ndb_struct_na_base_pair_step.j_auth_asym_id_2 
_ndb_struct_na_base_pair_step.j_auth_seq_id_2 
_ndb_struct_na_base_pair_step.j_PDB_ins_code_2 
1 A DG 1 1_555 B DC 10 1_555 A DC 2  1_555 B DG 9 1_555 -0.186 -1.149 3.503 3.016  9.739  33.072 -3.470 0.788  3.025 16.624 -5.148 
34.566 1 AA_DG1DC2:DG19DC20_BB  A 1 ? B 20 ? A 2  ? B 19 ? 
1 A DC 2 1_555 B DG 9  1_555 A DG 3  1_555 B DC 8 1_555 -0.591 -0.656 2.989 -4.614 10.916 36.830 -2.201 0.382  2.744 16.752 7.082  
38.627 2 AA_DC2DG3:DC18DG19_BB  A 2 ? B 19 ? A 3  ? B 18 ? 
1 A DG 3 1_555 B DC 8  1_555 A DT 4  1_555 B DA 7 1_555 -0.206 -0.316 3.044 2.150  5.576  37.707 -1.133 0.566  2.954 8.561  -3.301 
38.160 3 AA_DG3DT4:DA17DC18_BB  A 3 ? B 18 ? A 4  ? B 17 ? 
1 A DT 4 1_555 B DA 7  1_555 A DA 5  1_555 B DT 6 1_555 -0.072 -0.010 2.874 -2.699 12.680 46.072 -0.904 -0.101 2.779 15.836 3.370  
47.765 4 AA_DT4DA5:DT16DA17_BB  A 4 ? B 17 ? A 5  ? B 16 ? 
1 A DA 5 1_555 B DT 6  1_555 A DT 6  1_555 B DA 5 1_555 0.000  -0.507 2.811 -0.001 0.417  36.382 -0.862 0.000  2.805 0.669  0.002  
36.384 5 AA_DA5DT6:DA15DT16_BB  A 5 ? B 16 ? A 6  ? B 15 ? 
1 A DT 6 1_555 B DA 5  1_555 A DA 7  1_555 B DT 4 1_555 0.072  -0.010 2.876 2.667  12.725 46.063 -0.907 0.099  2.780 15.893 -3.330 
47.766 6 AA_DT6DA7:DT14DA15_BB  A 6 ? B 15 ? A 7  ? B 14 ? 
1 A DA 7 1_555 B DT 4  1_555 A DC 8  1_555 B DG 3 1_555 0.208  -0.316 3.043 -2.163 5.649  37.707 -1.141 -0.569 2.951 8.671  3.321  
38.172 7 AA_DA7DC8:DG13DT14_BB  A 7 ? B 14 ? A 8  ? B 13 ? 
1 A DC 8 1_555 B DG 3  1_555 A DG 9  1_555 B DC 2 1_555 0.591  -0.657 2.988 4.643  11.004 36.802 -2.212 -0.380 2.740 16.892 -7.127 
38.628 8 AA_DC8DG9:DC12DG13_BB  A 8 ? B 13 ? A 9  ? B 12 ? 
1 A DG 9 1_555 B DC 2  1_555 A DC 10 1_555 B DG 1 1_555 0.185  -1.149 3.503 -3.014 9.741  33.075 -3.471 -0.786 3.025 16.626 5.145  
34.569 9 AA_DG9DC10:DG11DC12_BB A 9 ? B 12 ? A 10 ? B 11 ? 
# 
_atom_sites.entry_id                    1D68 
_atom_sites.fract_transf_matrix[1][1]   1.000000 
_atom_sites.fract_transf_matrix[1][2]   0.000000 
_atom_sites.fract_transf_matrix[1][3]   0.000000 
_atom_sites.fract_transf_matrix[2][1]   0.000000 
_atom_sites.fract_transf_matrix[2][2]   1.000000 
_atom_sites.fract_transf_matrix[2][3]   0.000000 
_atom_sites.fract_transf_matrix[3][1]   0.000000 
_atom_sites.fract_transf_matrix[3][2]   0.000000 
_atom_sites.fract_transf_matrix[3][3]   1.000000 
_atom_sites.fract_transf_vector[1]      0.00000 
_atom_sites.fract_transf_vector[2]      0.00000 
_atom_sites.fract_transf_vector[3]      0.00000 
# 
loop_
_atom_type.symbol 
C 
H 
N 
O 
P 
# 
loop_
_atom_site.group_PDB 
_atom_site.id 
_atom_site.type_symbol 
_atom_site.label_atom_id 
_atom_site.label_alt_id 
_atom_site.label_comp_id 
_atom_site.label_asym_id 
_atom_site.label_entity_id 
_atom_site.label_seq_id 
_atom_site.pdbx_PDB_ins_code 
_atom_site.Cartn_x 
_atom_site.Cartn_y 
_atom_site.Cartn_z 
_atom_site.occupancy 
_atom_site.B_iso_or_equiv 
_atom_site.pdbx_formal_charge 
_atom_site.auth_seq_id 
_atom_site.auth_comp_id 
_atom_site.auth_asym_id 
_atom_site.auth_atom_id 
_atom_site.pdbx_PDB_model_num 
ATOM 1   O OP3    . DG A 1 1  ? -6.364  14.282  -3.937  1.00 0.00 ? 1  DG A OP3    1 
ATOM 2   P P      . DG A 1 1  ? -7.466  14.445  -2.963  1.00 0.00 ? 1  DG A P      1 
ATOM 3   O OP1    . DG A 1 1  ? -7.104  15.075  -1.672  1.00 0.00 ? 1  DG A OP1    1 
ATOM 4   O OP2    . DG A 1 1  ? -8.659  15.270  -3.638  1.00 0.00 ? 1  DG A OP2    1 
ATOM 5   O "O5'"  . DG A 1 1  ? -8.156  13.025  -2.691  1.00 0.00 ? 1  DG A "O5'"  1 
ATOM 6   C "C5'"  . DG A 1 1  ? -9.542  12.846  -3.005  1.00 0.00 ? 1  DG A "C5'"  1 
ATOM 7   C "C4'"  . DG A 1 1  ? -9.887  11.381  -3.173  1.00 0.00 ? 1  DG A "C4'"  1 
ATOM 8   O "O4'"  . DG A 1 1  ? -9.206  10.859  -4.319  1.00 0.00 ? 1  DG A "O4'"  1 
ATOM 9   C "C3'"  . DG A 1 1  ? -9.533  10.448  -1.997  1.00 0.00 ? 1  DG A "C3'"  1 
ATOM 10  O "O3'"  . DG A 1 1  ? -10.578 9.570   -1.791  1.00 0.00 ? 1  DG A "O3'"  1 
ATOM 11  C "C2'"  . DG A 1 1  ? -8.225  9.842   -2.441  1.00 0.00 ? 1  DG A "C2'"  1 
ATOM 12  C "C1'"  . DG A 1 1  ? -8.400  9.742   -3.930  1.00 0.00 ? 1  DG A "C1'"  1 
ATOM 13  N N9     . DG A 1 1  ? -7.131  9.868   -4.712  1.00 0.00 ? 1  DG A N9     1 
ATOM 14  C C8     . DG A 1 1  ? -6.095  10.758  -4.541  1.00 0.00 ? 1  DG A C8     1 
ATOM 15  N N7     . DG A 1 1  ? -5.194  10.715  -5.493  1.00 0.00 ? 1  DG A N7     1 
ATOM 16  C C5     . DG A 1 1  ? -5.661  9.717   -6.346  1.00 0.00 ? 1  DG A C5     1 
ATOM 17  C C6     . DG A 1 1  ? -5.121  9.231   -7.566  1.00 0.00 ? 1  DG A C6     1 
ATOM 18  O O6     . DG A 1 1  ? -4.105  9.593   -8.156  1.00 0.00 ? 1  DG A O6     1 
ATOM 19  N N1     . DG A 1 1  ? -5.920  8.217   -8.112  1.00 0.00 ? 1  DG A N1     1 
ATOM 20  C C2     . DG A 1 1  ? -7.096  7.747   -7.560  1.00 0.00 ? 1  DG A C2     1 
ATOM 21  N N2     . DG A 1 1  ? -7.734  6.806   -8.260  1.00 0.00 ? 1  DG A N2     1 
ATOM 22  N N3     . DG A 1 1  ? -7.606  8.209   -6.422  1.00 0.00 ? 1  DG A N3     1 
ATOM 23  C C4     . DG A 1 1  ? -6.825  9.170   -5.862  1.00 0.00 ? 1  DG A C4     1 
ATOM 24  H "H5'"  . DG A 1 1  ? -9.753  13.340  -3.964  1.00 0.00 ? 1  DG A "H5'"  1 
ATOM 25  H "H5''" . DG A 1 1  ? -10.167 13.288  -2.230  1.00 0.00 ? 1  DG A "H5''" 1 
ATOM 26  H "H4'"  . DG A 1 1  ? -10.969 11.300  -3.357  1.00 0.00 ? 1  DG A "H4'"  1 
ATOM 27  H "H3'"  . DG A 1 1  ? -9.434  11.131  -1.099  1.00 0.00 ? 1  DG A "H3'"  1 
ATOM 28  H "H2'"  . DG A 1 1  ? -7.426  10.584  -2.183  1.00 0.00 ? 1  DG A "H2'"  1 
ATOM 29  H "H2''" . DG A 1 1  ? -8.020  8.875   -1.980  1.00 0.00 ? 1  DG A "H2''" 1 
ATOM 30  H "H1'"  . DG A 1 1  ? -8.886  8.832   -4.220  1.00 0.00 ? 1  DG A "H1'"  1 
ATOM 31  H H8     . DG A 1 1  ? -6.026  11.418  -3.702  1.00 0.00 ? 1  DG A H8     1 
ATOM 32  H H1     . DG A 1 1  ? -5.613  7.798   -8.966  1.00 0.00 ? 1  DG A H1     1 
ATOM 33  H H21    . DG A 1 1  ? -7.400  6.546   -9.173  1.00 0.00 ? 1  DG A H21    1 
ATOM 34  H H22    . DG A 1 1  ? -8.557  6.375   -7.880  1.00 0.00 ? 1  DG A H22    1 
ATOM 35  P P      . DC A 1 2  ? -10.619 8.115   -1.214  1.00 0.00 ? 2  DC A P      1 
ATOM 36  O OP1    . DC A 1 2  ? -12.004 7.769   -0.814  1.00 0.00 ? 2  DC A OP1    1 
ATOM 37  O OP2    . DC A 1 2  ? -9.523  7.957   -0.212  1.00 0.00 ? 2  DC A OP2    1 
ATOM 38  O "O5'"  . DC A 1 2  ? -10.233 7.204   -2.477  1.00 0.00 ? 2  DC A "O5'"  1 
ATOM 39  C "C5'"  . DC A 1 2  ? -11.238 6.530   -3.234  1.00 0.00 ? 2  DC A "C5'"  1 
ATOM 40  C "C4'"  . DC A 1 2  ? -10.585 5.378   -3.992  1.00 0.00 ? 2  DC A "C4'"  1 
ATOM 41  O "O4'"  . DC A 1 2  ? -9.359  5.856   -4.608  1.00 0.00 ? 2  DC A "O4'"  1 
ATOM 42  C "C3'"  . DC A 1 2  ? -10.199 4.183   -3.131  1.00 0.00 ? 2  DC A "C3'"  1 
ATOM 43  O "O3'"  . DC A 1 2  ? -10.520 2.986   -3.793  1.00 0.00 ? 2  DC A "O3'"  1 
ATOM 44  C "C2'"  . DC A 1 2  ? -8.664  4.322   -3.024  1.00 0.00 ? 2  DC A "C2'"  1 
ATOM 45  C "C1'"  . DC A 1 2  ? -8.351  4.858   -4.393  1.00 0.00 ? 2  DC A "C1'"  1 
ATOM 46  N N1     . DC A 1 2  ? -7.019  5.499   -4.589  1.00 0.00 ? 2  DC A N1     1 
ATOM 47  C C2     . DC A 1 2  ? -6.298  5.156   -5.733  1.00 0.00 ? 2  DC A C2     1 
ATOM 48  O O2     . DC A 1 2  ? -6.789  4.338   -6.524  1.00 0.00 ? 2  DC A O2     1 
ATOM 49  N N3     . DC A 1 2  ? -5.086  5.734   -5.935  1.00 0.00 ? 2  DC A N3     1 
ATOM 50  C C4     . DC A 1 2  ? -4.652  6.705   -5.122  1.00 0.00 ? 2  DC A C4     1 
ATOM 51  N N4     . DC A 1 2  ? -3.499  7.293   -5.402  1.00 0.00 ? 2  DC A N4     1 
ATOM 52  C C5     . DC A 1 2  ? -5.407  7.117   -3.975  1.00 0.00 ? 2  DC A C5     1 
ATOM 53  C C6     . DC A 1 2  ? -6.555  6.435   -3.720  1.00 0.00 ? 2  DC A C6     1 
ATOM 54  H "H5'"  . DC A 1 2  ? -11.722 7.198   -3.948  1.00 0.00 ? 2  DC A "H5'"  1 
ATOM 55  H "H5''" . DC A 1 2  ? -12.018 6.129   -2.571  1.00 0.00 ? 2  DC A "H5''" 1 
ATOM 56  H "H4'"  . DC A 1 2  ? -11.248 5.059   -4.796  1.00 0.00 ? 2  DC A "H4'"  1 
ATOM 57  H "H3'"  . DC A 1 2  ? -10.710 4.256   -2.154  1.00 0.00 ? 2  DC A "H3'"  1 
ATOM 58  H "H2'"  . DC A 1 2  ? -8.439  4.973   -2.194  1.00 0.00 ? 2  DC A "H2'"  1 
ATOM 59  H "H2''" . DC A 1 2  ? -8.294  3.310   -2.891  1.00 0.00 ? 2  DC A "H2''" 1 
ATOM 60  H "H1'"  . DC A 1 2  ? -8.474  4.050   -5.123  1.00 0.00 ? 2  DC A "H1'"  1 
ATOM 61  H H41    . DC A 1 2  ? -2.964  6.989   -6.192  1.00 0.00 ? 2  DC A H41    1 
ATOM 62  H H42    . DC A 1 2  ? -3.146  8.014   -4.805  1.00 0.00 ? 2  DC A H42    1 
ATOM 63  H H5     . DC A 1 2  ? -5.077  7.915   -3.342  1.00 0.00 ? 2  DC A H5     1 
ATOM 64  H H6     . DC A 1 2  ? -7.120  6.665   -2.842  1.00 0.00 ? 2  DC A H6     1 
ATOM 65  P P      . DG A 1 3  ? -10.485 1.540   -3.149  1.00 0.00 ? 3  DG A P      1 
ATOM 66  O OP1    . DG A 1 3  ? -11.751 0.839   -3.460  1.00 0.00 ? 3  DG A OP1    1 
ATOM 67  O OP2    . DG A 1 3  ? -10.038 1.657   -1.739  1.00 0.00 ? 3  DG A OP2    1 
ATOM 68  O "O5'"  . DG A 1 3  ? -9.306  0.798   -3.963  1.00 0.00 ? 3  DG A "O5'"  1 
ATOM 69  C "C5'"  . DG A 1 3  ? -9.583  0.296   -5.276  1.00 0.00 ? 3  DG A "C5'"  1 
ATOM 70  C "C4'"  . DG A 1 3  ? -8.485  -0.612  -5.775  1.00 0.00 ? 3  DG A "C4'"  1 
ATOM 71  O "O4'"  . DG A 1 3  ? -7.274  0.095   -6.033  1.00 0.00 ? 3  DG A "O4'"  1 
ATOM 72  C "C3'"  . DG A 1 3  ? -8.102  -1.777  -4.844  1.00 0.00 ? 3  DG A "C3'"  1 
ATOM 73  O "O3'"  . DG A 1 3  ? -7.810  -2.894  -5.618  1.00 0.00 ? 3  DG A "O3'"  1 
ATOM 74  C "C2'"  . DG A 1 3  ? -6.859  -1.220  -4.138  1.00 0.00 ? 3  DG A "C2'"  1 
ATOM 75  C "C1'"  . DG A 1 3  ? -6.206  -0.463  -5.252  1.00 0.00 ? 3  DG A "C1'"  1 
ATOM 76  N N9     . DG A 1 3  ? -5.411  0.720   -4.796  1.00 0.00 ? 3  DG A N9     1 
ATOM 77  C C8     . DG A 1 3  ? -5.737  1.674   -3.857  1.00 0.00 ? 3  DG A C8     1 
ATOM 78  N N7     . DG A 1 3  ? -4.923  2.702   -3.839  1.00 0.00 ? 3  DG A N7     1 
ATOM 79  C C5     . DG A 1 3  ? -3.947  2.366   -4.777  1.00 0.00 ? 3  DG A C5     1 
ATOM 80  C C6     . DG A 1 3  ? -2.786  3.076   -5.182  1.00 0.00 ? 3  DG A C6     1 
ATOM 81  O O6     . DG A 1 3  ? -2.371  4.162   -4.785  1.00 0.00 ? 3  DG A O6     1 
ATOM 82  N N1     . DG A 1 3  ? -2.079  2.382   -6.172  1.00 0.00 ? 3  DG A N1     1 
ATOM 83  C C2     . DG A 1 3  ? -2.459  1.169   -6.717  1.00 0.00 ? 3  DG A C2     1 
ATOM 84  N N2     . DG A 1 3  ? -1.655  0.676   -7.662  1.00 0.00 ? 3  DG A N2     1 
ATOM 85  N N3     . DG A 1 3  ? -3.551  0.508   -6.343  1.00 0.00 ? 3  DG A N3     1 
ATOM 86  C C4     . DG A 1 3  ? -4.226  1.151   -5.354  1.00 0.00 ? 3  DG A C4     1 
ATOM 87  H "H5'"  . DG A 1 3  ? -9.712  1.123   -5.975  1.00 0.00 ? 3  DG A "H5'"  1 
ATOM 88  H "H5''" . DG A 1 3  ? -10.531 -0.273  -5.249  1.00 0.00 ? 3  DG A "H5''" 1 
ATOM 89  H "H4'"  . DG A 1 3  ? -8.821  -1.060  -6.733  1.00 0.00 ? 3  DG A "H4'"  1 
ATOM 90  H "H3'"  . DG A 1 3  ? -8.944  -1.923  -4.151  1.00 0.00 ? 3  DG A "H3'"  1 
ATOM 91  H "H2'"  . DG A 1 3  ? -7.215  -0.562  -3.325  1.00 0.00 ? 3  DG A "H2'"  1 
ATOM 92  H "H2''" . DG A 1 3  ? -6.273  -2.057  -3.778  1.00 0.00 ? 3  DG A "H2''" 1 
ATOM 93  H "H1'"  . DG A 1 3  ? -5.565  -1.085  -5.843  1.00 0.00 ? 3  DG A "H1'"  1 
ATOM 94  H H8     . DG A 1 3  ? -6.579  1.580   -3.202  1.00 0.00 ? 3  DG A H8     1 
ATOM 95  H H1     . DG A 1 3  ? -1.236  2.796   -6.515  1.00 0.00 ? 3  DG A H1     1 
ATOM 96  H H21    . DG A 1 3  ? -0.823  1.169   -7.921  1.00 0.00 ? 3  DG A H21    1 
ATOM 97  H H22    . DG A 1 3  ? -1.873  -0.198  -8.098  1.00 0.00 ? 3  DG A H22    1 
ATOM 98  P P      . DT A 1 4  ? -7.287  -4.305  -5.155  1.00 0.00 ? 4  DT A P      1 
ATOM 99  O OP1    . DT A 1 4  ? -7.919  -5.358  -5.988  1.00 0.00 ? 4  DT A OP1    1 
ATOM 100 O OP2    . DT A 1 4  ? -7.420  -4.394  -3.670  1.00 0.00 ? 4  DT A OP2    1 
ATOM 101 O "O5'"  . DT A 1 4  ? -5.726  -4.280  -5.492  1.00 0.00 ? 4  DT A "O5'"  1 
ATOM 102 C "C5'"  . DT A 1 4  ? -5.237  -4.596  -6.794  1.00 0.00 ? 4  DT A "C5'"  1 
ATOM 103 C "C4'"  . DT A 1 4  ? -3.746  -4.342  -6.884  1.00 0.00 ? 4  DT A "C4'"  1 
ATOM 104 O "O4'"  . DT A 1 4  ? -3.423  -3.038  -6.341  1.00 0.00 ? 4  DT A "O4'"  1 
ATOM 105 C "C3'"  . DT A 1 4  ? -2.842  -5.337  -6.171  1.00 0.00 ? 4  DT A "C3'"  1 
ATOM 106 O "O3'"  . DT A 1 4  ? -1.674  -5.562  -6.927  1.00 0.00 ? 4  DT A "O3'"  1 
ATOM 107 C "C2'"  . DT A 1 4  ? -2.441  -4.540  -4.896  1.00 0.00 ? 4  DT A "C2'"  1 
ATOM 108 C "C1'"  . DT A 1 4  ? -2.240  -3.182  -5.506  1.00 0.00 ? 4  DT A "C1'"  1 
ATOM 109 N N1     . DT A 1 4  ? -2.224  -2.015  -4.588  1.00 0.00 ? 4  DT A N1     1 
ATOM 110 C C2     . DT A 1 4  ? -1.276  -1.063  -4.763  1.00 0.00 ? 4  DT A C2     1 
ATOM 111 O O2     . DT A 1 4  ? -0.391  -1.217  -5.609  1.00 0.00 ? 4  DT A O2     1 
ATOM 112 N N3     . DT A 1 4  ? -1.337  0.057   -3.991  1.00 0.00 ? 4  DT A N3     1 
ATOM 113 C C4     . DT A 1 4  ? -2.369  0.302   -3.120  1.00 0.00 ? 4  DT A C4     1 
ATOM 114 O O4     . DT A 1 4  ? -2.331  1.339   -2.465  1.00 0.00 ? 4  DT A O4     1 
ATOM 115 C C5     . DT A 1 4  ? -3.295  -0.715  -2.900  1.00 0.00 ? 4  DT A C5     1 
ATOM 116 C C7     . DT A 1 4  ? -4.385  -0.557  -1.876  1.00 0.00 ? 4  DT A C7     1 
ATOM 117 C C6     . DT A 1 4  ? -3.200  -1.889  -3.648  1.00 0.00 ? 4  DT A C6     1 
ATOM 118 H "H5'"  . DT A 1 4  ? -5.753  -3.997  -7.558  1.00 0.00 ? 4  DT A "H5'"  1 
ATOM 119 H "H5''" . DT A 1 4  ? -5.447  -5.651  -7.044  1.00 0.00 ? 4  DT A "H5''" 1 
ATOM 120 H "H4'"  . DT A 1 4  ? -3.464  -4.315  -7.953  1.00 0.00 ? 4  DT A "H4'"  1 
ATOM 121 H "H3'"  . DT A 1 4  ? -3.392  -6.261  -5.956  1.00 0.00 ? 4  DT A "H3'"  1 
ATOM 122 H "H2'"  . DT A 1 4  ? -3.240  -4.598  -4.176  1.00 0.00 ? 4  DT A "H2'"  1 
ATOM 123 H "H2''" . DT A 1 4  ? -1.533  -5.020  -4.577  1.00 0.00 ? 4  DT A "H2''" 1 
ATOM 124 H "H1'"  . DT A 1 4  ? -1.351  -3.164  -6.134  1.00 0.00 ? 4  DT A "H1'"  1 
ATOM 125 H H3     . DT A 1 4  ? -0.587  0.721   -4.053  1.00 0.00 ? 4  DT A H3     1 
ATOM 126 H H71    . DT A 1 4  ? -4.615  -0.529  -1.645  1.00 0.00 ? 4  DT A H71    1 
ATOM 127 H H72    . DT A 1 4  ? -4.615  -0.529  -1.645  1.00 0.00 ? 4  DT A H72    1 
ATOM 128 H H73    . DT A 1 4  ? -4.615  -0.529  -1.645  1.00 0.00 ? 4  DT A H73    1 
ATOM 129 H H6     . DT A 1 4  ? -3.924  -2.664  -3.520  1.00 0.00 ? 4  DT A H6     1 
ATOM 130 P P      . DA A 1 5  ? -0.570  -6.656  -6.668  1.00 0.00 ? 5  DA A P      1 
ATOM 131 O OP1    . DA A 1 5  ? -0.200  -7.288  -7.963  1.00 0.00 ? 5  DA A OP1    1 
ATOM 132 O OP2    . DA A 1 5  ? -1.004  -7.525  -5.543  1.00 0.00 ? 5  DA A OP2    1 
ATOM 133 O "O5'"  . DA A 1 5  ? 0.723   -5.834  -6.157  1.00 0.00 ? 5  DA A "O5'"  1 
ATOM 134 C "C5'"  . DA A 1 5  ? 1.654   -5.367  -7.130  1.00 0.00 ? 5  DA A "C5'"  1 
ATOM 135 C "C4'"  . DA A 1 5  ? 2.871   -4.710  -6.573  1.00 0.00 ? 5  DA A "C4'"  1 
ATOM 136 O "O4'"  . DA A 1 5  ? 2.588   -3.564  -5.781  1.00 0.00 ? 5  DA A "O4'"  1 
ATOM 137 C "C3'"  . DA A 1 5  ? 3.865   -5.552  -5.745  1.00 0.00 ? 5  DA A "C3'"  1 
ATOM 138 O "O3'"  . DA A 1 5  ? 5.159   -5.214  -6.097  1.00 0.00 ? 5  DA A "O3'"  1 
ATOM 139 C "C2'"  . DA A 1 5  ? 3.487   -5.151  -4.322  1.00 0.00 ? 5  DA A "C2'"  1 
ATOM 140 C "C1'"  . DA A 1 5  ? 3.264   -3.676  -4.486  1.00 0.00 ? 5  DA A "C1'"  1 
ATOM 141 N N9     . DA A 1 5  ? 2.226   -3.122  -3.549  1.00 0.00 ? 5  DA A N9     1 
ATOM 142 C C8     . DA A 1 5  ? 0.997   -3.642  -3.259  1.00 0.00 ? 5  DA A C8     1 
ATOM 143 N N7     . DA A 1 5  ? 0.206   -2.807  -2.654  1.00 0.00 ? 5  DA A N7     1 
ATOM 144 C C5     . DA A 1 5  ? 0.998   -1.684  -2.455  1.00 0.00 ? 5  DA A C5     1 
ATOM 145 C C6     . DA A 1 5  ? 0.756   -0.457  -1.817  1.00 0.00 ? 5  DA A C6     1 
ATOM 146 N N6     . DA A 1 5  ? -0.410  -0.143  -1.233  1.00 0.00 ? 5  DA A N6     1 
ATOM 147 N N1     . DA A 1 5  ? 1.746   0.453   -1.827  1.00 0.00 ? 5  DA A N1     1 
ATOM 148 C C2     . DA A 1 5  ? 2.901   0.138   -2.412  1.00 0.00 ? 5  DA A C2     1 
ATOM 149 N N3     . DA A 1 5  ? 3.231   -0.959  -3.063  1.00 0.00 ? 5  DA A N3     1 
ATOM 150 C C4     . DA A 1 5  ? 2.247   -1.876  -2.977  1.00 0.00 ? 5  DA A C4     1 
ATOM 151 H "H5'"  . DA A 1 5  ? 1.131   -4.607  -7.750  1.00 0.00 ? 5  DA A "H5'"  1 
ATOM 152 H "H5''" . DA A 1 5  ? 1.932   -6.180  -7.818  1.00 0.00 ? 5  DA A "H5''" 1 
ATOM 153 H "H4'"  . DA A 1 5  ? 3.451   -4.330  -7.465  1.00 0.00 ? 5  DA A "H4'"  1 
ATOM 154 H "H3'"  . DA A 1 5  ? 3.628   -6.614  -5.975  1.00 0.00 ? 5  DA A "H3'"  1 
ATOM 155 H "H2'"  . DA A 1 5  ? 2.517   -5.664  -4.113  1.00 0.00 ? 5  DA A "H2'"  1 
ATOM 156 H "H2''" . DA A 1 5  ? 4.261   -5.380  -3.603  1.00 0.00 ? 5  DA A "H2''" 1 
ATOM 157 H "H1'"  . DA A 1 5  ? 4.132   -3.091  -4.457  1.00 0.00 ? 5  DA A "H1'"  1 
ATOM 158 H H8     . DA A 1 5  ? 0.722   -4.647  -3.503  1.00 0.00 ? 5  DA A H8     1 
ATOM 159 H H61    . DA A 1 5  ? -0.562  0.786   -0.885  1.00 0.00 ? 5  DA A H61    1 
ATOM 160 H H62    . DA A 1 5  ? -1.132  -0.836  -1.158  1.00 0.00 ? 5  DA A H62    1 
ATOM 161 H H2     . DA A 1 5  ? 3.630   0.924   -2.443  1.00 0.00 ? 5  DA A H2     1 
ATOM 162 P P      . DT A 1 6  ? 6.507   -5.259  -5.309  1.00 0.00 ? 6  DT A P      1 
ATOM 163 O OP1    . DT A 1 6  ? 7.641   -5.213  -6.271  1.00 0.00 ? 6  DT A OP1    1 
ATOM 164 O OP2    . DT A 1 6  ? 6.457   -6.387  -4.331  1.00 0.00 ? 6  DT A OP2    1 
ATOM 165 O "O5'"  . DT A 1 6  ? 6.533   -3.902  -4.468  1.00 0.00 ? 6  DT A "O5'"  1 
ATOM 166 C "C5'"  . DT A 1 6  ? 7.618   -2.980  -4.550  1.00 0.00 ? 6  DT A "C5'"  1 
ATOM 167 C "C4'"  . DT A 1 6  ? 7.653   -2.086  -3.333  1.00 0.00 ? 6  DT A "C4'"  1 
ATOM 168 O "O4'"  . DT A 1 6  ? 6.305   -1.932  -2.795  1.00 0.00 ? 6  DT A "O4'"  1 
ATOM 169 C "C3'"  . DT A 1 6  ? 8.535   -2.495  -2.156  1.00 0.00 ? 6  DT A "C3'"  1 
ATOM 170 O "O3'"  . DT A 1 6  ? 9.228   -1.356  -1.686  1.00 0.00 ? 6  DT A "O3'"  1 
ATOM 171 C "C2'"  . DT A 1 6  ? 7.497   -2.902  -1.081  1.00 0.00 ? 6  DT A "C2'"  1 
ATOM 172 C "C1'"  . DT A 1 6  ? 6.442   -1.868  -1.357  1.00 0.00 ? 6  DT A "C1'"  1 
ATOM 173 N N1     . DT A 1 6  ? 5.093   -2.104  -0.779  1.00 0.00 ? 6  DT A N1     1 
ATOM 174 C C2     . DT A 1 6  ? 4.465   -1.082  -0.147  1.00 0.00 ? 6  DT A C2     1 
ATOM 175 O O2     . DT A 1 6  ? 5.052   -0.011  0.027   1.00 0.00 ? 6  DT A O2     1 
ATOM 176 N N3     . DT A 1 6  ? 3.176   -1.263  0.248   1.00 0.00 ? 6  DT A N3     1 
ATOM 177 C C4     . DT A 1 6  ? 2.490   -2.429  0.034   1.00 0.00 ? 6  DT A C4     1 
ATOM 178 O O4     . DT A 1 6  ? 1.326   -2.494  0.417   1.00 0.00 ? 6  DT A O4     1 
ATOM 179 C C5     . DT A 1 6  ? 3.168   -3.492  -0.562  1.00 0.00 ? 6  DT A C5     1 
ATOM 180 C C7     . DT A 1 6  ? 2.488   -4.819  -0.771  1.00 0.00 ? 6  DT A C7     1 
ATOM 181 C C6     . DT A 1 6  ? 4.488   -3.309  -0.964  1.00 0.00 ? 6  DT A C6     1 
ATOM 182 H "H5'"  . DT A 1 6  ? 7.486   -2.333  -5.452  1.00 0.00 ? 6  DT A "H5'"  1 
ATOM 183 H "H5''" . DT A 1 6  ? 8.572   -3.493  -4.705  1.00 0.00 ? 6  DT A "H5''" 1 
ATOM 184 H "H4'"  . DT A 1 6  ? 7.953   -1.068  -3.659  1.00 0.00 ? 6  DT A "H4'"  1 
ATOM 185 H "H3'"  . DT A 1 6  ? 9.202   -3.311  -2.460  1.00 0.00 ? 6  DT A "H3'"  1 
ATOM 186 H "H2'"  . DT A 1 6  ? 7.159   -3.917  -1.239  1.00 0.00 ? 6  DT A "H2'"  1 
ATOM 187 H "H2''" . DT A 1 6  ? 8.008   -2.765  -0.133  1.00 0.00 ? 6  DT A "H2''" 1 
ATOM 188 H "H1'"  . DT A 1 6  ? 6.783   -0.879  -1.068  1.00 0.00 ? 6  DT A "H1'"  1 
ATOM 189 H H3     . DT A 1 6  ? 2.708   -0.511  0.713   1.00 0.00 ? 6  DT A H3     1 
ATOM 190 H H71    . DT A 1 6  ? 2.344   -5.109  -0.807  1.00 0.00 ? 6  DT A H71    1 
ATOM 191 H H72    . DT A 1 6  ? 2.344   -5.109  -0.807  1.00 0.00 ? 6  DT A H72    1 
ATOM 192 H H73    . DT A 1 6  ? 2.344   -5.109  -0.807  1.00 0.00 ? 6  DT A H73    1 
ATOM 193 H H6     . DT A 1 6  ? 5.005   -4.095  -1.474  1.00 0.00 ? 6  DT A H6     1 
ATOM 194 P P      . DA A 1 7  ? 10.350  -1.249  -0.598  1.00 0.00 ? 7  DA A P      1 
ATOM 195 O OP1    . DA A 1 7  ? 11.512  -0.503  -1.163  1.00 0.00 ? 7  DA A OP1    1 
ATOM 196 O OP2    . DA A 1 7  ? 10.613  -2.624  -0.058  1.00 0.00 ? 7  DA A OP2    1 
ATOM 197 O "O5'"  . DA A 1 7  ? 9.754   -0.384  0.595   1.00 0.00 ? 7  DA A "O5'"  1 
ATOM 198 C "C5'"  . DA A 1 7  ? 9.977   1.007   0.740   1.00 0.00 ? 7  DA A "C5'"  1 
ATOM 199 C "C4'"  . DA A 1 7  ? 9.307   1.586   1.960   1.00 0.00 ? 7  DA A "C4'"  1 
ATOM 200 O "O4'"  . DA A 1 7  ? 7.924   1.222   2.028   1.00 0.00 ? 7  DA A "O4'"  1 
ATOM 201 C "C3'"  . DA A 1 7  ? 9.899   1.247   3.341   1.00 0.00 ? 7  DA A "C3'"  1 
ATOM 202 O "O3'"  . DA A 1 7  ? 9.888   2.367   4.139   1.00 0.00 ? 7  DA A "O3'"  1 
ATOM 203 C "C2'"  . DA A 1 7  ? 8.942   0.148   3.818   1.00 0.00 ? 7  DA A "C2'"  1 
ATOM 204 C "C1'"  . DA A 1 7  ? 7.617   0.718   3.346   1.00 0.00 ? 7  DA A "C1'"  1 
ATOM 205 N N9     . DA A 1 7  ? 6.598   -0.352  3.136   1.00 0.00 ? 7  DA A N9     1 
ATOM 206 C C8     . DA A 1 7  ? 6.769   -1.588  2.577   1.00 0.00 ? 7  DA A C8     1 
ATOM 207 N N7     . DA A 1 7  ? 5.663   -2.256  2.443   1.00 0.00 ? 7  DA A N7     1 
ATOM 208 C C5     . DA A 1 7  ? 4.701   -1.429  3.005   1.00 0.00 ? 7  DA A C5     1 
ATOM 209 C C6     . DA A 1 7  ? 3.318   -1.578  3.189   1.00 0.00 ? 7  DA A C6     1 
ATOM 210 N N6     . DA A 1 7  ? 2.630   -2.662  2.804   1.00 0.00 ? 7  DA A N6     1 
ATOM 211 N N1     . DA A 1 7  ? 2.660   -0.564  3.783   1.00 0.00 ? 7  DA A N1     1 
ATOM 212 C C2     . DA A 1 7  ? 3.359   0.477   4.235   1.00 0.00 ? 7  DA A C2     1 
ATOM 213 N N3     . DA A 1 7  ? 4.632   0.765   4.037   1.00 0.00 ? 7  DA A N3     1 
ATOM 214 C C4     . DA A 1 7  ? 5.267   -0.266  3.444   1.00 0.00 ? 7  DA A C4     1 
ATOM 215 H "H5'"  . DA A 1 7  ? 9.514   1.533   -0.125  1.00 0.00 ? 7  DA A "H5'"  1 
ATOM 216 H "H5''" . DA A 1 7  ? 11.036  1.294   0.685   1.00 0.00 ? 7  DA A "H5''" 1 
ATOM 217 H "H4'"  . DA A 1 7  ? 9.341   2.700   1.859   1.00 0.00 ? 7  DA A "H4'"  1 
ATOM 218 H "H3'"  . DA A 1 7  ? 10.912  0.840   3.140   1.00 0.00 ? 7  DA A "H3'"  1 
ATOM 219 H "H2'"  . DA A 1 7  ? 9.193   -0.752  3.217   1.00 0.00 ? 7  DA A "H2'"  1 
ATOM 220 H "H2''" . DA A 1 7  ? 8.999   0.016   4.877   1.00 0.00 ? 7  DA A "H2''" 1 
ATOM 221 H "H1'"  . DA A 1 7  ? 7.240   1.462   3.997   1.00 0.00 ? 7  DA A "H1'"  1 
ATOM 222 H H8     . DA A 1 7  ? 7.724   -1.968  2.280   1.00 0.00 ? 7  DA A H8     1 
ATOM 223 H H61    . DA A 1 7  ? 1.625   -2.659  2.854   1.00 0.00 ? 7  DA A H61    1 
ATOM 224 H H62    . DA A 1 7  ? 3.106   -3.427  2.367   1.00 0.00 ? 7  DA A H62    1 
ATOM 225 H H2     . DA A 1 7  ? 2.791   1.233   4.736   1.00 0.00 ? 7  DA A H2     1 
ATOM 226 P P      . DC A 1 8  ? 9.920   2.561   5.697   1.00 0.00 ? 8  DC A P      1 
ATOM 227 O OP1    . DC A 1 8  ? 10.565  3.867   6.008   1.00 0.00 ? 8  DC A OP1    1 
ATOM 228 O OP2    . DC A 1 8  ? 10.501  1.328   6.316   1.00 0.00 ? 8  DC A OP2    1 
ATOM 229 O "O5'"  . DC A 1 8  ? 8.398   2.646   6.141   1.00 0.00 ? 8  DC A "O5'"  1 
ATOM 230 C "C5'"  . DC A 1 8  ? 7.885   3.623   7.045   1.00 0.00 ? 8  DC A "C5'"  1 
ATOM 231 C "C4'"  . DC A 1 8  ? 6.732   3.057   7.841   1.00 0.00 ? 8  DC A "C4'"  1 
ATOM 232 O "O4'"  . DC A 1 8  ? 6.143   1.955   7.076   1.00 0.00 ? 8  DC A "O4'"  1 
ATOM 233 C "C3'"  . DC A 1 8  ? 6.972   2.505   9.244   1.00 0.00 ? 8  DC A "C3'"  1 
ATOM 234 O "O3'"  . DC A 1 8  ? 5.934   2.962   10.098  1.00 0.00 ? 8  DC A "O3'"  1 
ATOM 235 C "C2'"  . DC A 1 8  ? 6.803   0.986   9.068   1.00 0.00 ? 8  DC A "C2'"  1 
ATOM 236 C "C1'"  . DC A 1 8  ? 5.697   0.989   8.046   1.00 0.00 ? 8  DC A "C1'"  1 
ATOM 237 N N1     . DC A 1 8  ? 5.502   -0.303  7.327   1.00 0.00 ? 8  DC A N1     1 
ATOM 238 C C2     . DC A 1 8  ? 4.220   -0.860  7.330   1.00 0.00 ? 8  DC A C2     1 
ATOM 239 O O2     . DC A 1 8  ? 3.336   -0.315  8.002   1.00 0.00 ? 8  DC A O2     1 
ATOM 240 N N3     . DC A 1 8  ? 3.989   -1.958  6.565   1.00 0.00 ? 8  DC A N3     1 
ATOM 241 C C4     . DC A 1 8  ? 4.993   -2.559  5.915   1.00 0.00 ? 8  DC A C4     1 
ATOM 242 N N4     . DC A 1 8  ? 4.724   -3.650  5.215   1.00 0.00 ? 8  DC A N4     1 
ATOM 243 C C5     . DC A 1 8  ? 6.328   -2.039  5.951   1.00 0.00 ? 8  DC A C5     1 
ATOM 244 C C6     . DC A 1 8  ? 6.527   -0.904  6.667   1.00 0.00 ? 8  DC A C6     1 
ATOM 245 H "H5'"  . DC A 1 8  ? 7.488   4.484   6.428   1.00 0.00 ? 8  DC A "H5'"  1 
ATOM 246 H "H5''" . DC A 1 8  ? 8.654   4.063   7.670   1.00 0.00 ? 8  DC A "H5''" 1 
ATOM 247 H "H4'"  . DC A 1 8  ? 5.935   3.829   7.896   1.00 0.00 ? 8  DC A "H4'"  1 
ATOM 248 H "H3'"  . DC A 1 8  ? 7.964   2.813   9.588   1.00 0.00 ? 8  DC A "H3'"  1 
ATOM 249 H "H2'"  . DC A 1 8  ? 7.724   0.555   8.680   1.00 0.00 ? 8  DC A "H2'"  1 
ATOM 250 H "H2''" . DC A 1 8  ? 6.462   0.541   10.011  1.00 0.00 ? 8  DC A "H2''" 1 
ATOM 251 H "H1'"  . DC A 1 8  ? 4.758   1.310   8.470   1.00 0.00 ? 8  DC A "H1'"  1 
ATOM 252 H H41    . DC A 1 8  ? 3.776   -3.963  5.123   1.00 0.00 ? 8  DC A H41    1 
ATOM 253 H H42    . DC A 1 8  ? 5.460   -4.131  4.736   1.00 0.00 ? 8  DC A H42    1 
ATOM 254 H H5     . DC A 1 8  ? 7.139   -2.540  5.462   1.00 0.00 ? 8  DC A H5     1 
ATOM 255 H H6     . DC A 1 8  ? 7.506   -0.476  6.718   1.00 0.00 ? 8  DC A H6     1 
ATOM 256 P P      . DG A 1 9  ? 5.813   2.739   11.651  1.00 0.00 ? 9  DG A P      1 
ATOM 257 O OP1    . DG A 1 9  ? 5.194   3.945   12.261  1.00 0.00 ? 9  DG A OP1    1 
ATOM 258 O OP2    . DG A 1 9  ? 7.132   2.277   12.166  1.00 0.00 ? 9  DG A OP2    1 
ATOM 259 O "O5'"  . DG A 1 9  ? 4.782   1.515   11.824  1.00 0.00 ? 9  DG A "O5'"  1 
ATOM 260 C "C5'"  . DG A 1 9  ? 3.505   1.767   12.397  1.00 0.00 ? 9  DG A "C5'"  1 
ATOM 261 C "C4'"  . DG A 1 9  ? 2.659   0.551   12.643  1.00 0.00 ? 9  DG A "C4'"  1 
ATOM 262 O "O4'"  . DG A 1 9  ? 2.491   -0.235  11.446  1.00 0.00 ? 9  DG A "O4'"  1 
ATOM 263 C "C3'"  . DG A 1 9  ? 3.090   -0.413  13.741  1.00 0.00 ? 9  DG A "C3'"  1 
ATOM 264 O "O3'"  . DG A 1 9  ? 1.997   -0.818  14.499  1.00 0.00 ? 9  DG A "O3'"  1 
ATOM 265 C "C2'"  . DG A 1 9  ? 3.674   -1.570  12.929  1.00 0.00 ? 9  DG A "C2'"  1 
ATOM 266 C "C1'"  . DG A 1 9  ? 2.701   -1.589  11.740  1.00 0.00 ? 9  DG A "C1'"  1 
ATOM 267 N N9     . DG A 1 9  ? 3.357   -2.268  10.572  1.00 0.00 ? 9  DG A N9     1 
ATOM 268 C C8     . DG A 1 9  ? 4.684   -2.261  10.207  1.00 0.00 ? 9  DG A C8     1 
ATOM 269 N N7     . DG A 1 9  ? 4.988   -3.142  9.286   1.00 0.00 ? 9  DG A N7     1 
ATOM 270 C C5     . DG A 1 9  ? 3.770   -3.760  9.003   1.00 0.00 ? 9  DG A C5     1 
ATOM 271 C C6     . DG A 1 9  ? 3.467   -4.808  8.096   1.00 0.00 ? 9  DG A C6     1 
ATOM 272 O O6     . DG A 1 9  ? 4.220   -5.411  7.336   1.00 0.00 ? 9  DG A O6     1 
ATOM 273 N N1     . DG A 1 9  ? 2.107   -5.145  8.138   1.00 0.00 ? 9  DG A N1     1 
ATOM 274 C C2     . DG A 1 9  ? 1.170   -4.565  8.973   1.00 0.00 ? 9  DG A C2     1 
ATOM 275 N N2     . DG A 1 9  ? -0.072  -5.047  8.881   1.00 0.00 ? 9  DG A N2     1 
ATOM 276 N N3     . DG A 1 9  ? 1.458   -3.587  9.830   1.00 0.00 ? 9  DG A N3     1 
ATOM 277 C C4     . DG A 1 9  ? 2.761   -3.207  9.754   1.00 0.00 ? 9  DG A C4     1 
ATOM 278 H "H5'"  . DG A 1 9  ? 2.926   2.390   11.698  1.00 0.00 ? 9  DG A "H5'"  1 
ATOM 279 H "H5''" . DG A 1 9  ? 3.602   2.352   13.324  1.00 0.00 ? 9  DG A "H5''" 1 
ATOM 280 H "H4'"  . DG A 1 9  ? 1.638   0.934   12.913  1.00 0.00 ? 9  DG A "H4'"  1 
ATOM 281 H "H3'"  . DG A 1 9  ? 3.870   0.099   14.339  1.00 0.00 ? 9  DG A "H3'"  1 
ATOM 282 H "H2'"  . DG A 1 9  ? 4.650   -1.203  12.566  1.00 0.00 ? 9  DG A "H2'"  1 
ATOM 283 H "H2''" . DG A 1 9  ? 3.686   -2.472  13.486  1.00 0.00 ? 9  DG A "H2''" 1 
ATOM 284 H "H1'"  . DG A 1 9  ? 1.823   -2.159  12.007  1.00 0.00 ? 9  DG A "H1'"  1 
ATOM 285 H H8     . DG A 1 9  ? 5.408   -1.612  10.657  1.00 0.00 ? 9  DG A H8     1 
ATOM 286 H H1     . DG A 1 9  ? 1.790   -5.863  7.520   1.00 0.00 ? 9  DG A H1     1 
ATOM 287 H H21    . DG A 1 9  ? -0.267  -5.818  8.272   1.00 0.00 ? 9  DG A H21    1 
ATOM 288 H H22    . DG A 1 9  ? -0.802  -4.654  9.441   1.00 0.00 ? 9  DG A H22    1 
ATOM 289 P P      . DC A 1 10 ? 2.013   -1.860  15.687  1.00 0.00 ? 10 DC A P      1 
ATOM 290 O OP1    . DC A 1 10 ? 1.045   -1.420  16.722  1.00 0.00 ? 10 DC A OP1    1 
ATOM 291 O OP2    . DC A 1 10 ? 3.422   -2.121  16.076  1.00 0.00 ? 10 DC A OP2    1 
ATOM 292 O "O5'"  . DC A 1 10 ? 1.440   -3.209  15.026  1.00 0.00 ? 10 DC A "O5'"  1 
ATOM 293 C "C5'"  . DC A 1 10 ? 0.254   -3.809  15.567  1.00 0.00 ? 10 DC A "C5'"  1 
ATOM 294 C "C4'"  . DC A 1 10 ? 0.052   -5.219  15.066  1.00 0.00 ? 10 DC A "C4'"  1 
ATOM 295 O "O4'"  . DC A 1 10 ? 0.526   -5.352  13.699  1.00 0.00 ? 10 DC A "O4'"  1 
ATOM 296 C "C3'"  . DC A 1 10 ? 0.727   -6.333  15.859  1.00 0.00 ? 10 DC A "C3'"  1 
ATOM 297 O "O3'"  . DC A 1 10 ? -0.225  -7.353  16.154  1.00 0.00 ? 10 DC A "O3'"  1 
ATOM 298 C "C2'"  . DC A 1 10 ? 1.774   -6.878  14.910  1.00 0.00 ? 10 DC A "C2'"  1 
ATOM 299 C "C1'"  . DC A 1 10 ? 1.056   -6.664  13.554  1.00 0.00 ? 10 DC A "C1'"  1 
ATOM 300 N N1     . DC A 1 10 ? 2.071   -6.623  12.456  1.00 0.00 ? 10 DC A N1     1 
ATOM 301 C C2     . DC A 1 10 ? 2.081   -7.678  11.546  1.00 0.00 ? 10 DC A C2     1 
ATOM 302 O O2     . DC A 1 10 ? 1.155   -8.497  11.578  1.00 0.00 ? 10 DC A O2     1 
ATOM 303 N N3     . DC A 1 10 ? 3.113   -7.768  10.667  1.00 0.00 ? 10 DC A N3     1 
ATOM 304 C C4     . DC A 1 10 ? 4.043   -6.808  10.607  1.00 0.00 ? 10 DC A C4     1 
ATOM 305 N N4     . DC A 1 10 ? 4.997   -6.912  9.696   1.00 0.00 ? 10 DC A N4     1 
ATOM 306 C C5     . DC A 1 10 ? 4.030   -5.695  11.511  1.00 0.00 ? 10 DC A C5     1 
ATOM 307 C C6     . DC A 1 10 ? 3.019   -5.646  12.413  1.00 0.00 ? 10 DC A C6     1 
ATOM 308 H "H5'"  . DC A 1 10 ? -0.619  -3.197  15.287  1.00 0.00 ? 10 DC A "H5'"  1 
ATOM 309 H "H5''" . DC A 1 10 ? 0.318   -3.814  16.665  1.00 0.00 ? 10 DC A "H5''" 1 
ATOM 310 H "H4'"  . DC A 1 10 ? -1.036  -5.424  15.029  1.00 0.00 ? 10 DC A "H4'"  1 
ATOM 311 H "H3'"  . DC A 1 10 ? 1.095   -5.920  16.816  1.00 0.00 ? 10 DC A "H3'"  1 
ATOM 312 H "H2'"  . DC A 1 10 ? 2.672   -6.247  14.940  1.00 0.00 ? 10 DC A "H2'"  1 
ATOM 313 H "H2''" . DC A 1 10 ? 1.928   -7.944  15.076  1.00 0.00 ? 10 DC A "H2''" 1 
ATOM 314 H "H1'"  . DC A 1 10 ? 0.333   -7.421  13.398  1.00 0.00 ? 10 DC A "H1'"  1 
ATOM 315 H H41    . DC A 1 10 ? 5.019   -7.702  9.083   1.00 0.00 ? 10 DC A H41    1 
ATOM 316 H H42    . DC A 1 10 ? 5.709   -6.211  9.634   1.00 0.00 ? 10 DC A H42    1 
ATOM 317 H H5     . DC A 1 10 ? 4.771   -4.924  11.462  1.00 0.00 ? 10 DC A H5     1 
ATOM 318 H H6     . DC A 1 10 ? 3.005   -4.869  13.150  1.00 0.00 ? 10 DC A H6     1 
ATOM 319 O OP3    . DG B 1 1  ? 5.860   -14.467 3.942   1.00 0.00 ? 11 DG B OP3    1 
ATOM 320 P P      . DG B 1 1  ? 5.012   -15.399 3.164   1.00 0.00 ? 11 DG B P      1 
ATOM 321 O OP1    . DG B 1 1  ? 5.467   -15.694 1.786   1.00 0.00 ? 11 DG B OP1    1 
ATOM 322 O OP2    . DG B 1 1  ? 4.845   -16.769 3.973   1.00 0.00 ? 11 DG B OP2    1 
ATOM 323 O "O5'"  . DG B 1 1  ? 3.507   -14.851 3.125   1.00 0.00 ? 11 DG B "O5'"  1 
ATOM 324 C "C5'"  . DG B 1 1  ? 2.457   -15.644 3.690   1.00 0.00 ? 11 DG B "C5'"  1 
ATOM 325 C "C4'"  . DG B 1 1  ? 1.245   -14.797 4.025   1.00 0.00 ? 11 DG B "C4'"  1 
ATOM 326 O "O4'"  . DG B 1 1  ? 1.579   -13.877 5.071   1.00 0.00 ? 11 DG B "O4'"  1 
ATOM 327 C "C3'"  . DG B 1 1  ? 0.652   -13.953 2.881   1.00 0.00 ? 11 DG B "C3'"  1 
ATOM 328 O "O3'"  . DG B 1 1  ? -0.728  -14.036 2.927   1.00 0.00 ? 11 DG B "O3'"  1 
ATOM 329 C "C2'"  . DG B 1 1  ? 1.251   -12.593 3.131   1.00 0.00 ? 11 DG B "C2'"  1 
ATOM 330 C "C1'"  . DG B 1 1  ? 1.324   -12.539 4.633   1.00 0.00 ? 11 DG B "C1'"  1 
ATOM 331 N N9     . DG B 1 1  ? 2.454   -11.717 5.167   1.00 0.00 ? 11 DG B N9     1 
ATOM 332 C C8     . DG B 1 1  ? 3.765   -11.673 4.751   1.00 0.00 ? 11 DG B C8     1 
ATOM 333 N N7     . DG B 1 1  ? 4.548   -10.967 5.530   1.00 0.00 ? 11 DG B N7     1 
ATOM 334 C C5     . DG B 1 1  ? 3.689   -10.499 6.524   1.00 0.00 ? 11 DG B C5     1 
ATOM 335 C C6     . DG B 1 1  ? 3.963   -9.696  7.663   1.00 0.00 ? 11 DG B C6     1 
ATOM 336 O O6     . DG B 1 1  ? 5.037   -9.230  8.036   1.00 0.00 ? 11 DG B O6     1 
ATOM 337 N N1     . DG B 1 1  ? 2.803   -9.461  8.415   1.00 0.00 ? 11 DG B N1     1 
ATOM 338 C C2     . DG B 1 1  ? 1.548   -9.954  8.114   1.00 0.00 ? 11 DG B C2     1 
ATOM 339 N N2     . DG B 1 1  ? 0.579   -9.653  8.983   1.00 0.00 ? 11 DG B N2     1 
ATOM 340 N N3     . DG B 1 1  ? 1.294   -10.715 7.052   1.00 0.00 ? 11 DG B N3     1 
ATOM 341 C C4     . DG B 1 1  ? 2.404   -10.922 6.294   1.00 0.00 ? 11 DG B C4     1 
ATOM 342 H "H5'"  . DG B 1 1  ? 2.814   -16.085 4.630   1.00 0.00 ? 11 DG B "H5'"  1 
ATOM 343 H "H5''" . DG B 1 1  ? 2.173   -16.442 3.005   1.00 0.00 ? 11 DG B "H5''" 1 
ATOM 344 H "H4'"  . DG B 1 1  ? 0.452   -15.463 4.404   1.00 0.00 ? 11 DG B "H4'"  1 
ATOM 345 H "H3'"  . DG B 1 1  ? 1.026   -14.443 1.929   1.00 0.00 ? 11 DG B "H3'"  1 
ATOM 346 H "H2'"  . DG B 1 1  ? 2.276   -12.607 2.683   1.00 0.00 ? 11 DG B "H2'"  1 
ATOM 347 H "H2''" . DG B 1 1  ? 0.658   -11.777 2.714   1.00 0.00 ? 11 DG B "H2''" 1 
ATOM 348 H "H1'"  . DG B 1 1  ? 0.413   -12.185 5.071   1.00 0.00 ? 11 DG B "H1'"  1 
ATOM 349 H H8     . DG B 1 1  ? 4.111   -12.164 3.865   1.00 0.00 ? 11 DG B H8     1 
ATOM 350 H H1     . DG B 1 1  ? 2.889   -8.888  9.229   1.00 0.00 ? 11 DG B H1     1 
ATOM 351 H H21    . DG B 1 1  ? 0.804   -9.174  9.840   1.00 0.00 ? 11 DG B H21    1 
ATOM 352 H H22    . DG B 1 1  ? -0.367  -9.923  8.785   1.00 0.00 ? 11 DG B H22    1 
ATOM 353 P P      . DC B 1 2  ? -1.847  -13.041 2.478   1.00 0.00 ? 12 DC B P      1 
ATOM 354 O OP1    . DC B 1 2  ? -3.138  -13.756 2.355   1.00 0.00 ? 12 DC B OP1    1 
ATOM 355 O OP2    . DC B 1 2  ? -1.353  -12.247 1.313   1.00 0.00 ? 12 DC B OP2    1 
ATOM 356 O "O5'"  . DC B 1 2  ? -1.964  -12.030 3.716   1.00 0.00 ? 12 DC B "O5'"  1 
ATOM 357 C "C5'"  . DC B 1 2  ? -3.002  -12.170 4.686   1.00 0.00 ? 12 DC B "C5'"  1 
ATOM 358 C "C4'"  . DC B 1 2  ? -3.184  -10.832 5.402   1.00 0.00 ? 12 DC B "C4'"  1 
ATOM 359 O "O4'"  . DC B 1 2  ? -1.873  -10.306 5.755   1.00 0.00 ? 12 DC B "O4'"  1 
ATOM 360 C "C3'"  . DC B 1 2  ? -3.874  -9.756  4.576   1.00 0.00 ? 12 DC B "C3'"  1 
ATOM 361 O "O3'"  . DC B 1 2  ? -4.797  -9.055  5.371   1.00 0.00 ? 12 DC B "O3'"  1 
ATOM 362 C "C2'"  . DC B 1 2  ? -2.704  -8.820  4.189   1.00 0.00 ? 12 DC B "C2'"  1 
ATOM 363 C "C1'"  . DC B 1 2  ? -1.874  -8.909  5.441   1.00 0.00 ? 12 DC B "C1'"  1 
ATOM 364 N N1     . DC B 1 2  ? -0.455  -8.458  5.351   1.00 0.00 ? 12 DC B N1     1 
ATOM 365 C C2     . DC B 1 2  ? 0.029   -7.642  6.373   1.00 0.00 ? 12 DC B C2     1 
ATOM 366 O O2     . DC B 1 2  ? -0.733  -7.325  7.296   1.00 0.00 ? 12 DC B O2     1 
ATOM 367 N N3     . DC B 1 2  ? 1.322   -7.226  6.315   1.00 0.00 ? 12 DC B N3     1 
ATOM 368 C C4     . DC B 1 2  ? 2.145   -7.694  5.368   1.00 0.00 ? 12 DC B C4     1 
ATOM 369 N N4     . DC B 1 2  ? 3.415   -7.322  5.396   1.00 0.00 ? 12 DC B N4     1 
ATOM 370 C C5     . DC B 1 2  ? 1.681   -8.585  4.344   1.00 0.00 ? 12 DC B C5     1 
ATOM 371 C C6     . DC B 1 2  ? 0.355   -8.884  4.347   1.00 0.00 ? 12 DC B C6     1 
ATOM 372 H "H5'"  . DC B 1 2  ? -2.765  -12.939 5.423   1.00 0.00 ? 12 DC B "H5'"  1 
ATOM 373 H "H5''" . DC B 1 2  ? -3.948  -12.452 4.203   1.00 0.00 ? 12 DC B "H5''" 1 
ATOM 374 H "H4'"  . DC B 1 2  ? -3.730  -10.997 6.331   1.00 0.00 ? 12 DC B "H4'"  1 
ATOM 375 H "H3'"  . DC B 1 2  ? -4.362  -10.222 3.701   1.00 0.00 ? 12 DC B "H3'"  1 
ATOM 376 H "H2'"  . DC B 1 2  ? -2.252  -9.199  3.289   1.00 0.00 ? 12 DC B "H2'"  1 
ATOM 377 H "H2''" . DC B 1 2  ? -3.153  -7.838  4.069   1.00 0.00 ? 12 DC B "H2''" 1 
ATOM 378 H "H1'"  . DC B 1 2  ? -2.382  -8.352  6.238   1.00 0.00 ? 12 DC B "H1'"  1 
ATOM 379 H H41    . DC B 1 2  ? 3.731   -6.683  6.100   1.00 0.00 ? 12 DC B H41    1 
ATOM 380 H H42    . DC B 1 2  ? 4.049   -7.648  4.695   1.00 0.00 ? 12 DC B H42    1 
ATOM 381 H H5     . DC B 1 2  ? 2.345   -8.986  3.606   1.00 0.00 ? 12 DC B H5     1 
ATOM 382 H H6     . DC B 1 2  ? -0.049  -9.493  3.567   1.00 0.00 ? 12 DC B H6     1 
ATOM 383 P P      . DG B 1 3  ? -5.869  -8.016  4.838   1.00 0.00 ? 13 DG B P      1 
ATOM 384 O OP1    . DG B 1 3  ? -7.190  -8.344  5.417   1.00 0.00 ? 13 DG B OP1    1 
ATOM 385 O OP2    . DG B 1 3  ? -5.722  -7.895  3.366   1.00 0.00 ? 13 DG B OP2    1 
ATOM 386 O "O5'"  . DG B 1 3  ? -5.387  -6.619  5.484   1.00 0.00 ? 13 DG B "O5'"  1 
ATOM 387 C "C5'"  . DG B 1 3  ? -5.691  -6.352  6.859   1.00 0.00 ? 13 DG B "C5'"  1 
ATOM 388 C "C4'"  . DG B 1 3  ? -5.435  -4.909  7.220   1.00 0.00 ? 13 DG B "C4'"  1 
ATOM 389 O "O4'"  . DG B 1 3  ? -4.048  -4.586  7.209   1.00 0.00 ? 13 DG B "O4'"  1 
ATOM 390 C "C3'"  . DG B 1 3  ? -6.120  -3.859  6.323   1.00 0.00 ? 13 DG B "C3'"  1 
ATOM 391 O "O3'"  . DG B 1 3  ? -6.530  -2.794  7.113   1.00 0.00 ? 13 DG B "O3'"  1 
ATOM 392 C "C2'"  . DG B 1 3  ? -4.983  -3.472  5.372   1.00 0.00 ? 13 DG B "C2'"  1 
ATOM 393 C "C1'"  . DG B 1 3  ? -3.804  -3.505  6.295   1.00 0.00 ? 13 DG B "C1'"  1 
ATOM 394 N N9     . DG B 1 3  ? -2.516  -3.861  5.621   1.00 0.00 ? 13 DG B N9     1 
ATOM 395 C C8     . DG B 1 3  ? -2.268  -4.842  4.688   1.00 0.00 ? 13 DG B C8     1 
ATOM 396 N N7     . DG B 1 3  ? -0.993  -5.041  4.451   1.00 0.00 ? 13 DG B N7     1 
ATOM 397 C C5     . DG B 1 3  ? -0.358  -4.069  5.226   1.00 0.00 ? 13 DG B C5     1 
ATOM 398 C C6     . DG B 1 3  ? 1.023   -3.772  5.366   1.00 0.00 ? 13 DG B C6     1 
ATOM 399 O O6     . DG B 1 3  ? 1.984   -4.310  4.823   1.00 0.00 ? 13 DG B O6     1 
ATOM 400 N N1     . DG B 1 3  ? 1.230   -2.717  6.264   1.00 0.00 ? 13 DG B N1     1 
ATOM 401 C C2     . DG B 1 3  ? 0.235   -2.052  6.955   1.00 0.00 ? 13 DG B C2     1 
ATOM 402 N N2     . DG B 1 3  ? 0.640   -1.081  7.776   1.00 0.00 ? 13 DG B N2     1 
ATOM 403 N N3     . DG B 1 3  ? -1.060  -2.336  6.827   1.00 0.00 ? 13 DG B N3     1 
ATOM 404 C C4     . DG B 1 3  ? -1.281  -3.332  5.929   1.00 0.00 ? 13 DG B C4     1 
ATOM 405 H "H5'"  . DG B 1 3  ? -5.096  -6.997  7.505   1.00 0.00 ? 13 DG B "H5'"  1 
ATOM 406 H "H5''" . DG B 1 3  ? -6.757  -6.581  7.038   1.00 0.00 ? 13 DG B "H5''" 1 
ATOM 407 H "H4'"  . DG B 1 3  ? -5.808  -4.745  8.253   1.00 0.00 ? 13 DG B "H4'"  1 
ATOM 408 H "H3'"  . DG B 1 3  ? -6.942  -4.373  5.802   1.00 0.00 ? 13 DG B "H3'"  1 
ATOM 409 H "H2'"  . DG B 1 3  ? -4.935  -4.248  4.589   1.00 0.00 ? 13 DG B "H2'"  1 
ATOM 410 H "H2''" . DG B 1 3  ? -5.197  -2.485  4.975   1.00 0.00 ? 13 DG B "H2''" 1 
ATOM 411 H "H1'"  . DG B 1 3  ? -3.665  -2.575  6.807   1.00 0.00 ? 13 DG B "H1'"  1 
ATOM 412 H H8     . DG B 1 3  ? -3.048  -5.390  4.200   1.00 0.00 ? 13 DG B H8     1 
ATOM 413 H H1     . DG B 1 3  ? 2.174   -2.425  6.423   1.00 0.00 ? 13 DG B H1     1 
ATOM 414 H H21    . DG B 1 3  ? 1.613   -0.860  7.848   1.00 0.00 ? 13 DG B H21    1 
ATOM 415 H H22    . DG B 1 3  ? -0.030  -0.562  8.305   1.00 0.00 ? 13 DG B H22    1 
ATOM 416 P P      . DT B 1 4  ? -7.199  -1.438  6.670   1.00 0.00 ? 14 DT B P      1 
ATOM 417 O OP1    . DT B 1 4  ? -8.214  -1.041  7.677   1.00 0.00 ? 14 DT B OP1    1 
ATOM 418 O OP2    . DT B 1 4  ? -7.619  -1.564  5.243   1.00 0.00 ? 14 DT B OP2    1 
ATOM 419 O "O5'"  . DT B 1 4  ? -6.009  -0.372  6.724   1.00 0.00 ? 14 DT B "O5'"  1 
ATOM 420 C "C5'"  . DT B 1 4  ? -5.643  0.280   7.937   1.00 0.00 ? 14 DT B "C5'"  1 
ATOM 421 C "C4'"  . DT B 1 4  ? -4.392  1.115   7.741   1.00 0.00 ? 14 DT B "C4'"  1 
ATOM 422 O "O4'"  . DT B 1 4  ? -3.373  0.344   7.056   1.00 0.00 ? 14 DT B "O4'"  1 
ATOM 423 C "C3'"  . DT B 1 4  ? -4.553  2.405   6.952   1.00 0.00 ? 14 DT B "C3'"  1 
ATOM 424 O "O3'"  . DT B 1 4  ? -3.736  3.418   7.502   1.00 0.00 ? 14 DT B "O3'"  1 
ATOM 425 C "C2'"  . DT B 1 4  ? -3.952  2.007   5.573   1.00 0.00 ? 14 DT B "C2'"  1 
ATOM 426 C "C1'"  . DT B 1 4  ? -2.779  1.194   6.039   1.00 0.00 ? 14 DT B "C1'"  1 
ATOM 427 N N1     . DT B 1 4  ? -2.138  0.289   5.051   1.00 0.00 ? 14 DT B N1     1 
ATOM 428 C C2     . DT B 1 4  ? -0.787  0.249   4.986   1.00 0.00 ? 14 DT B C2     1 
ATOM 429 O O2     . DT B 1 4  ? -0.110  1.021   5.672   1.00 0.00 ? 14 DT B O2     1 
ATOM 430 N N3     . DT B 1 4  ? -0.206  -0.665  4.160   1.00 0.00 ? 14 DT B N3     1 
ATOM 431 C C4     . DT B 1 4  ? -0.930  -1.605  3.470   1.00 0.00 ? 14 DT B C4     1 
ATOM 432 O O4     . DT B 1 4  ? -0.316  -2.381  2.745   1.00 0.00 ? 14 DT B O4     1 
ATOM 433 C C5     . DT B 1 4  ? -2.320  -1.505  3.490   1.00 0.00 ? 14 DT B C5     1 
ATOM 434 C C7     . DT B 1 4  ? -3.172  -2.431  2.666   1.00 0.00 ? 14 DT B C7     1 
ATOM 435 C C6     . DT B 1 4  ? -2.915  -0.531  4.291   1.00 0.00 ? 14 DT B C6     1 
ATOM 436 H "H5'"  . DT B 1 4  ? -5.466  -0.456  8.735   1.00 0.00 ? 14 DT B "H5'"  1 
ATOM 437 H "H5''" . DT B 1 4  ? -6.463  0.924   8.296   1.00 0.00 ? 14 DT B "H5''" 1 
ATOM 438 H "H4'"  . DT B 1 4  ? -3.982  1.360   8.738   1.00 0.00 ? 14 DT B "H4'"  1 
ATOM 439 H "H3'"  . DT B 1 4  ? -5.608  2.692   6.907   1.00 0.00 ? 14 DT B "H3'"  1 
ATOM 440 H "H2'"  . DT B 1 4  ? -4.691  1.457   5.013   1.00 0.00 ? 14 DT B "H2'"  1 
ATOM 441 H "H2''" . DT B 1 4  ? -3.689  2.951   5.132   1.00 0.00 ? 14 DT B "H2''" 1 
ATOM 442 H "H1'"  . DT B 1 4  ? -2.020  1.828   6.495   1.00 0.00 ? 14 DT B "H1'"  1 
ATOM 443 H H3     . DT B 1 4  ? 0.790   -0.636  4.040   1.00 0.00 ? 14 DT B H3     1 
ATOM 444 H H71    . DT B 1 4  ? -3.357  -2.624  2.478   1.00 0.00 ? 14 DT B H71    1 
ATOM 445 H H72    . DT B 1 4  ? -3.357  -2.624  2.478   1.00 0.00 ? 14 DT B H72    1 
ATOM 446 H H73    . DT B 1 4  ? -3.357  -2.624  2.478   1.00 0.00 ? 14 DT B H73    1 
ATOM 447 H H6     . DT B 1 4  ? -3.981  -0.466  4.350   1.00 0.00 ? 14 DT B H6     1 
ATOM 448 P P      . DA B 1 5  ? -3.742  4.948   7.131   1.00 0.00 ? 15 DA B P      1 
ATOM 449 O OP1    . DA B 1 5  ? -3.677  5.751   8.378   1.00 0.00 ? 15 DA B OP1    1 
ATOM 450 O OP2    . DA B 1 5  ? -4.842  5.208   6.164   1.00 0.00 ? 15 DA B OP2    1 
ATOM 451 O "O5'"  . DA B 1 5  ? -2.355  5.190   6.339   1.00 0.00 ? 15 DA B "O5'"  1 
ATOM 452 C "C5'"  . DA B 1 5  ? -1.202  5.551   7.095   1.00 0.00 ? 15 DA B "C5'"  1 
ATOM 453 C "C4'"  . DA B 1 5  ? 0.013   5.859   6.284   1.00 0.00 ? 15 DA B "C4'"  1 
ATOM 454 O "O4'"  . DA B 1 5  ? 0.448   4.773   5.475   1.00 0.00 ? 15 DA B "O4'"  1 
ATOM 455 C "C3'"  . DA B 1 5  ? -0.002  7.091   5.355   1.00 0.00 ? 15 DA B "C3'"  1 
ATOM 456 O "O3'"  . DA B 1 5  ? 1.211   7.748   5.447   1.00 0.00 ? 15 DA B "O3'"  1 
ATOM 457 C "C2'"  . DA B 1 5  ? -0.251  6.441   3.995   1.00 0.00 ? 15 DA B "C2'"  1 
ATOM 458 C "C1'"  . DA B 1 5  ? 0.622   5.222   4.095   1.00 0.00 ? 15 DA B "C1'"  1 
ATOM 459 N N9     . DA B 1 5  ? 0.093   4.048   3.318   1.00 0.00 ? 15 DA B N9     1 
ATOM 460 C C8     . DA B 1 5  ? -1.187  3.573   3.289   1.00 0.00 ? 15 DA B C8     1 
ATOM 461 N N7     . DA B 1 5  ? -1.291  2.383   2.775   1.00 0.00 ? 15 DA B N7     1 
ATOM 462 C C5     . DA B 1 5  ? 0.001   2.086   2.360   1.00 0.00 ? 15 DA B C5     1 
ATOM 463 C C6     . DA B 1 5  ? 0.548   0.982   1.690   1.00 0.00 ? 15 DA B C6     1 
ATOM 464 N N6     . DA B 1 5  ? -0.173  -0.081  1.301   1.00 0.00 ? 15 DA B N6     1 
ATOM 465 N N1     . DA B 1 5  ? 1.873   0.990   1.460   1.00 0.00 ? 15 DA B N1     1 
ATOM 466 C C2     . DA B 1 5  ? 2.587   2.045   1.854   1.00 0.00 ? 15 DA B C2     1 
ATOM 467 N N3     . DA B 1 5  ? 2.191   3.116   2.509   1.00 0.00 ? 15 DA B N3     1 
ATOM 468 C C4     . DA B 1 5  ? 0.853   3.112   2.665   1.00 0.00 ? 15 DA B C4     1 
ATOM 469 H "H5'"  . DA B 1 5  ? -0.947  4.684   7.740   1.00 0.00 ? 15 DA B "H5'"  1 
ATOM 470 H "H5''" . DA B 1 5  ? -1.432  6.381   7.776   1.00 0.00 ? 15 DA B "H5''" 1 
ATOM 471 H "H4'"  . DA B 1 5  ? 0.842   6.038   7.030   1.00 0.00 ? 15 DA B "H4'"  1 
ATOM 472 H "H3'"  . DA B 1 5  ? -0.850  7.722   5.698   1.00 0.00 ? 15 DA B "H3'"  1 
ATOM 473 H "H2'"  . DA B 1 5  ? -1.328  6.144   4.002   1.00 0.00 ? 15 DA B "H2'"  1 
ATOM 474 H "H2''" . DA B 1 5  ? 0.016   7.084   3.170   1.00 0.00 ? 15 DA B "H2''" 1 
ATOM 475 H "H1'"  . DA B 1 5  ? 1.632   5.383   3.869   1.00 0.00 ? 15 DA B "H1'"  1 
ATOM 476 H H8     . DA B 1 5  ? -2.022  4.137   3.647   1.00 0.00 ? 15 DA B H8     1 
ATOM 477 H H61    . DA B 1 5  ? 0.289   -0.888  0.922   1.00 0.00 ? 15 DA B H61    1 
ATOM 478 H H62    . DA B 1 5  ? -1.170  -0.071  1.404   1.00 0.00 ? 15 DA B H62    1 
ATOM 479 H H2     . DA B 1 5  ? 3.645   1.968   1.698   1.00 0.00 ? 15 DA B H2     1 
ATOM 480 P P      . DT B 1 6  ? 2.000   8.641   4.437   1.00 0.00 ? 16 DT B P      1 
ATOM 481 O OP1    . DT B 1 6  ? 3.011   9.447   5.176   1.00 0.00 ? 16 DT B OP1    1 
ATOM 482 O OP2    . DT B 1 6  ? 1.025   9.363   3.565   1.00 0.00 ? 16 DT B OP2    1 
ATOM 483 O "O5'"  . DT B 1 6  ? 2.793   7.608   3.510   1.00 0.00 ? 16 DT B "O5'"  1 
ATOM 484 C "C5'"  . DT B 1 6  ? 4.206   7.677   3.333   1.00 0.00 ? 16 DT B "C5'"  1 
ATOM 485 C "C4'"  . DT B 1 6  ? 4.622   6.962   2.069   1.00 0.00 ? 16 DT B "C4'"  1 
ATOM 486 O "O4'"  . DT B 1 6  ? 3.672   5.897   1.768   1.00 0.00 ? 16 DT B "O4'"  1 
ATOM 487 C "C3'"  . DT B 1 6  ? 4.763   7.777   0.788   1.00 0.00 ? 16 DT B "C3'"  1 
ATOM 488 O "O3'"  . DT B 1 6  ? 5.948   7.383   0.122   1.00 0.00 ? 16 DT B "O3'"  1 
ATOM 489 C "C2'"  . DT B 1 6  ? 3.557   7.294   -0.057  1.00 0.00 ? 16 DT B "C2'"  1 
ATOM 490 C "C1'"  . DT B 1 6  ? 3.557   5.841   0.330   1.00 0.00 ? 16 DT B "C1'"  1 
ATOM 491 N N1     . DT B 1 6  ? 2.334   5.058   0.016   1.00 0.00 ? 16 DT B N1     1 
ATOM 492 C C2     . DT B 1 6  ? 2.468   3.841   -0.564  1.00 0.00 ? 16 DT B C2     1 
ATOM 493 O O2     . DT B 1 6  ? 3.583   3.444   -0.914  1.00 0.00 ? 16 DT B O2     1 
ATOM 494 N N3     . DT B 1 6  ? 1.357   3.069   -0.711  1.00 0.00 ? 16 DT B N3     1 
ATOM 495 C C4     . DT B 1 6  ? 0.115   3.470   -0.298  1.00 0.00 ? 16 DT B C4     1 
ATOM 496 O O4     . DT B 1 6  ? -0.826  2.699   -0.460  1.00 0.00 ? 16 DT B O4     1 
ATOM 497 C C5     . DT B 1 6  ? -0.020  4.748   0.244   1.00 0.00 ? 16 DT B C5     1 
ATOM 498 C C7     . DT B 1 6  ? -1.367  5.270   0.663   1.00 0.00 ? 16 DT B C7     1 
ATOM 499 C C6     . DT B 1 6  ? 1.117   5.540   0.391   1.00 0.00 ? 16 DT B C6     1 
ATOM 500 H "H5'"  . DT B 1 6  ? 4.712   7.179   4.197   1.00 0.00 ? 16 DT B "H5'"  1 
ATOM 501 H "H5''" . DT B 1 6  ? 4.565   8.712   3.353   1.00 0.00 ? 16 DT B "H5''" 1 
ATOM 502 H "H4'"  . DT B 1 6  ? 5.586   6.446   2.265   1.00 0.00 ? 16 DT B "H4'"  1 
ATOM 503 H "H3'"  . DT B 1 6  ? 4.739   8.849   1.024   1.00 0.00 ? 16 DT B "H3'"  1 
ATOM 504 H "H2'"  . DT B 1 6  ? 2.655   7.816   0.230   1.00 0.00 ? 16 DT B "H2'"  1 
ATOM 505 H "H2''" . DT B 1 6  ? 3.844   7.474   -1.085  1.00 0.00 ? 16 DT B "H2''" 1 
ATOM 506 H "H1'"  . DT B 1 6  ? 4.422   5.330   -0.086  1.00 0.00 ? 16 DT B "H1'"  1 
ATOM 507 H H3     . DT B 1 6  ? 1.453   2.170   -1.138  1.00 0.00 ? 16 DT B H3     1 
ATOM 508 H H71    . DT B 1 6  ? -1.660  5.387   0.744   1.00 0.00 ? 16 DT B H71    1 
ATOM 509 H H72    . DT B 1 6  ? -1.660  5.387   0.744   1.00 0.00 ? 16 DT B H72    1 
ATOM 510 H H73    . DT B 1 6  ? -1.660  5.387   0.744   1.00 0.00 ? 16 DT B H73    1 
ATOM 511 H H6     . DT B 1 6  ? 1.041   6.501   0.854   1.00 0.00 ? 16 DT B H6     1 
ATOM 512 P P      . DA B 1 7  ? 6.625   7.991   -1.152  1.00 0.00 ? 17 DA B P      1 
ATOM 513 O OP1    . DA B 1 7  ? 8.061   8.275   -0.854  1.00 0.00 ? 17 DA B OP1    1 
ATOM 514 O OP2    . DA B 1 7  ? 5.783   9.136   -1.632  1.00 0.00 ? 17 DA B OP2    1 
ATOM 515 O "O5'"  . DA B 1 7  ? 6.578   6.870   -2.279  1.00 0.00 ? 17 DA B "O5'"  1 
ATOM 516 C "C5'"  . DA B 1 7  ? 7.656   5.996   -2.558  1.00 0.00 ? 17 DA B "C5'"  1 
ATOM 517 C "C4'"  . DA B 1 7  ? 7.356   5.032   -3.677  1.00 0.00 ? 17 DA B "C4'"  1 
ATOM 518 O "O4'"  . DA B 1 7  ? 6.112   4.353   -3.474  1.00 0.00 ? 17 DA B "O4'"  1 
ATOM 519 C "C3'"  . DA B 1 7  ? 7.301   5.586   -5.115  1.00 0.00 ? 17 DA B "C3'"  1 
ATOM 520 O "O3'"  . DA B 1 7  ? 7.915   4.705   -5.975  1.00 0.00 ? 17 DA B "O3'"  1 
ATOM 521 C "C2'"  . DA B 1 7  ? 5.791   5.703   -5.336  1.00 0.00 ? 17 DA B "C2'"  1 
ATOM 522 C "C1'"  . DA B 1 7  ? 5.318   4.420   -4.677  1.00 0.00 ? 17 DA B "C1'"  1 
ATOM 523 N N9     . DA B 1 7  ? 3.902   4.525   -4.217  1.00 0.00 ? 17 DA B N9     1 
ATOM 524 C C8     . DA B 1 7  ? 3.282   5.583   -3.612  1.00 0.00 ? 17 DA B C8     1 
ATOM 525 N N7     . DA B 1 7  ? 2.065   5.330   -3.237  1.00 0.00 ? 17 DA B N7     1 
ATOM 526 C C5     . DA B 1 7  ? 1.842   4.032   -3.676  1.00 0.00 ? 17 DA B C5     1 
ATOM 527 C C6     . DA B 1 7  ? 0.724   3.187   -3.602  1.00 0.00 ? 17 DA B C6     1 
ATOM 528 N N6     . DA B 1 7  ? -0.434  3.540   -3.025  1.00 0.00 ? 17 DA B N6     1 
ATOM 529 N N1     . DA B 1 7  ? 0.840   1.958   -4.137  1.00 0.00 ? 17 DA B N1     1 
ATOM 530 C C2     . DA B 1 7  ? 1.964   1.641   -4.778  1.00 0.00 ? 17 DA B C2     1 
ATOM 531 N N3     . DA B 1 7  ? 3.101   2.309   -4.827  1.00 0.00 ? 17 DA B N3     1 
ATOM 532 C C4     . DA B 1 7  ? 2.957   3.536   -4.288  1.00 0.00 ? 17 DA B C4     1 
ATOM 533 H "H5'"  . DA B 1 7  ? 7.836   5.358   -1.664  1.00 0.00 ? 17 DA B "H5'"  1 
ATOM 534 H "H5''" . DA B 1 7  ? 8.614   6.510   -2.711  1.00 0.00 ? 17 DA B "H5''" 1 
ATOM 535 H "H4'"  . DA B 1 7  ? 8.155   4.249   -3.662  1.00 0.00 ? 17 DA B "H4'"  1 
ATOM 536 H "H3'"  . DA B 1 7  ? 7.783   6.585   -5.067  1.00 0.00 ? 17 DA B "H3'"  1 
ATOM 537 H "H2'"  . DA B 1 7  ? 5.464   6.574   -4.728  1.00 0.00 ? 17 DA B "H2'"  1 
ATOM 538 H "H2''" . DA B 1 7  ? 5.553   5.763   -6.376  1.00 0.00 ? 17 DA B "H2''" 1 
ATOM 539 H "H1'"  . DA B 1 7  ? 5.441   3.574   -5.301  1.00 0.00 ? 17 DA B "H1'"  1 
ATOM 540 H H8     . DA B 1 7  ? 3.757   6.530   -3.463  1.00 0.00 ? 17 DA B H8     1 
ATOM 541 H H61    . DA B 1 7  ? -1.157  2.851   -2.897  1.00 0.00 ? 17 DA B H61    1 
ATOM 542 H H62    . DA B 1 7  ? -0.538  4.452   -2.628  1.00 0.00 ? 17 DA B H62    1 
ATOM 543 H H2     . DA B 1 7  ? 1.985   0.666   -5.220  1.00 0.00 ? 17 DA B H2     1 
ATOM 544 P P      . DC B 1 8  ? 7.795   4.475   -7.521  1.00 0.00 ? 18 DC B P      1 
ATOM 545 O OP1    . DC B 1 8  ? 9.088   3.940   -8.034  1.00 0.00 ? 18 DC B OP1    1 
ATOM 546 O OP2    . DC B 1 8  ? 7.260   5.724   -8.147  1.00 0.00 ? 18 DC B OP2    1 
ATOM 547 O "O5'"  . DC B 1 8  ? 6.691   3.344   -7.692  1.00 0.00 ? 18 DC B "O5'"  1 
ATOM 548 C "C5'"  . DC B 1 8  ? 6.833   2.217   -8.556  1.00 0.00 ? 18 DC B "C5'"  1 
ATOM 549 C "C4'"  . DC B 1 8  ? 5.488   1.788   -9.090  1.00 0.00 ? 18 DC B "C4'"  1 
ATOM 550 O "O4'"  . DC B 1 8  ? 4.453   2.248   -8.160  1.00 0.00 ? 18 DC B "O4'"  1 
ATOM 551 C "C3'"  . DC B 1 8  ? 5.034   2.250   -10.476 1.00 0.00 ? 18 DC B "C3'"  1 
ATOM 552 O "O3'"  . DC B 1 8  ? 4.457   1.148   -11.157 1.00 0.00 ? 18 DC B "O3'"  1 
ATOM 553 C "C2'"  . DC B 1 8  ? 3.911   3.258   -10.169 1.00 0.00 ? 18 DC B "C2'"  1 
ATOM 554 C "C1'"  . DC B 1 8  ? 3.308   2.579   -8.968  1.00 0.00 ? 18 DC B "C1'"  1 
ATOM 555 N N1     . DC B 1 8  ? 2.417   3.442   -8.140  1.00 0.00 ? 18 DC B N1     1 
ATOM 556 C C2     . DC B 1 8  ? 1.125   2.978   -7.876  1.00 0.00 ? 18 DC B C2     1 
ATOM 557 O O2     . DC B 1 8  ? 0.748   1.930   -8.417  1.00 0.00 ? 18 DC B O2     1 
ATOM 558 N N3     . DC B 1 8  ? 0.349   3.678   -7.010  1.00 0.00 ? 18 DC B N3     1 
ATOM 559 C C4     . DC B 1 8  ? 0.770   4.845   -6.509  1.00 0.00 ? 18 DC B C4     1 
ATOM 560 N N4     . DC B 1 8  ? -0.040  5.510   -5.699  1.00 0.00 ? 18 DC B N4     1 
ATOM 561 C C5     . DC B 1 8  ? 2.068   5.370   -6.817  1.00 0.00 ? 18 DC B C5     1 
ATOM 562 C C6     . DC B 1 8  ? 2.854   4.624   -7.633  1.00 0.00 ? 18 DC B C6     1 
ATOM 563 H "H5'"  . DC B 1 8  ? 7.245   1.365   -7.940  1.00 0.00 ? 18 DC B "H5'"  1 
ATOM 564 H "H5''" . DC B 1 8  ? 7.569   2.375   -9.337  1.00 0.00 ? 18 DC B "H5''" 1 
ATOM 565 H "H4'"  . DC B 1 8  ? 5.436   0.678   -9.056  1.00 0.00 ? 18 DC B "H4'"  1 
ATOM 566 H "H3'"  . DC B 1 8  ? 5.890   2.675   -11.011 1.00 0.00 ? 18 DC B "H3'"  1 
ATOM 567 H "H2'"  . DC B 1 8  ? 4.342   4.227   -9.923  1.00 0.00 ? 18 DC B "H2'"  1 
ATOM 568 H "H2''" . DC B 1 8  ? 3.202   3.281   -11.003 1.00 0.00 ? 18 DC B "H2''" 1 
ATOM 569 H "H1'"  . DC B 1 8  ? 2.782   1.676   -9.236  1.00 0.00 ? 18 DC B "H1'"  1 
ATOM 570 H H41    . DC B 1 8  ? -0.912  5.101   -5.419  1.00 0.00 ? 18 DC B H41    1 
ATOM 571 H H42    . DC B 1 8  ? 0.241   6.395   -5.327  1.00 0.00 ? 18 DC B H42    1 
ATOM 572 H H5     . DC B 1 8  ? 2.390   6.321   -6.447  1.00 0.00 ? 18 DC B H5     1 
ATOM 573 H H6     . DC B 1 8  ? 3.833   4.974   -7.886  1.00 0.00 ? 18 DC B H6     1 
ATOM 574 P P      . DG B 1 9  ? 3.945   1.114   -12.644 1.00 0.00 ? 19 DG B P      1 
ATOM 575 O OP1    . DG B 1 9  ? 4.217   -0.232  -13.213 1.00 0.00 ? 19 DG B OP1    1 
ATOM 576 O OP2    . DG B 1 9  ? 4.479   2.309   -13.356 1.00 0.00 ? 19 DG B OP2    1 
ATOM 577 O "O5'"  . DG B 1 9  ? 2.348   1.295   -12.549 1.00 0.00 ? 19 DG B "O5'"  1 
ATOM 578 C "C5'"  . DG B 1 9  ? 1.508   0.200   -12.898 1.00 0.00 ? 19 DG B "C5'"  1 
ATOM 579 C "C4'"  . DG B 1 9  ? 0.037   0.495   -12.909 1.00 0.00 ? 19 DG B "C4'"  1 
ATOM 580 O "O4'"  . DG B 1 9  ? -0.407  1.044   -11.650 1.00 0.00 ? 19 DG B "O4'"  1 
ATOM 581 C "C3'"  . DG B 1 9  ? -0.506  1.410   -13.998 1.00 0.00 ? 19 DG B "C3'"  1 
ATOM 582 O "O3'"  . DG B 1 9  ? -1.691  0.908   -14.518 1.00 0.00 ? 19 DG B "O3'"  1 
ATOM 583 C "C2'"  . DG B 1 9  ? -0.732  2.713   -13.227 1.00 0.00 ? 19 DG B "C2'"  1 
ATOM 584 C "C1'"  . DG B 1 9  ? -1.229  2.153   -11.886 1.00 0.00 ? 19 DG B "C1'"  1 
ATOM 585 N N9     . DG B 1 9  ? -1.018  3.181   -10.810 1.00 0.00 ? 19 DG B N9     1 
ATOM 586 C C8     . DG B 1 9  ? -0.002  4.104   -10.690 1.00 0.00 ? 19 DG B C8     1 
ATOM 587 N N7     . DG B 1 9  ? -0.223  5.021   -9.780  1.00 0.00 ? 19 DG B N7     1 
ATOM 588 C C5     . DG B 1 9  ? -1.461  4.667   -9.245  1.00 0.00 ? 19 DG B C5     1 
ATOM 589 C C6     . DG B 1 9  ? -2.230  5.292   -8.228  1.00 0.00 ? 19 DG B C6     1 
ATOM 590 O O6     . DG B 1 9  ? -1.968  6.301   -7.577  1.00 0.00 ? 19 DG B O6     1 
ATOM 591 N N1     . DG B 1 9  ? -3.434  4.612   -8.005  1.00 0.00 ? 19 DG B N1     1 
ATOM 592 C C2     . DG B 1 9  ? -3.854  3.491   -8.696  1.00 0.00 ? 19 DG B C2     1 
ATOM 593 N N2     . DG B 1 9  ? -5.050  3.007   -8.351  1.00 0.00 ? 19 DG B N2     1 
ATOM 594 N N3     . DG B 1 9  ? -3.136  2.909   -9.654  1.00 0.00 ? 19 DG B N3     1 
ATOM 595 C C4     . DG B 1 9  ? -1.936  3.522   -9.837  1.00 0.00 ? 19 DG B C4     1 
ATOM 596 H "H5'"  . DG B 1 9  ? 1.645   -0.597  -12.151 1.00 0.00 ? 19 DG B "H5'"  1 
ATOM 597 H "H5''" . DG B 1 9  ? 1.814   -0.231  -13.865 1.00 0.00 ? 19 DG B "H5''" 1 
ATOM 598 H "H4'"  . DG B 1 9  ? -0.476  -0.499  -13.017 1.00 0.00 ? 19 DG B "H4'"  1 
ATOM 599 H "H3'"  . DG B 1 9  ? 0.292   1.522   -14.759 1.00 0.00 ? 19 DG B "H3'"  1 
ATOM 600 H "H2'"  . DG B 1 9  ? 0.276   3.133   -13.072 1.00 0.00 ? 19 DG B "H2'"  1 
ATOM 601 H "H2''" . DG B 1 9  ? -1.436  3.339   -13.716 1.00 0.00 ? 19 DG B "H2''" 1 
ATOM 602 H "H1'"  . DG B 1 9  ? -2.288  1.954   -11.953 1.00 0.00 ? 19 DG B "H1'"  1 
ATOM 603 H H8     . DG B 1 9  ? 0.874   4.088   -11.304 1.00 0.00 ? 19 DG B H8     1 
ATOM 604 H H1     . DG B 1 9  ? -4.039  4.967   -7.293  1.00 0.00 ? 19 DG B H1     1 
ATOM 605 H H21    . DG B 1 9  ? -5.607  3.484   -7.668  1.00 0.00 ? 19 DG B H21    1 
ATOM 606 H H22    . DG B 1 9  ? -5.401  2.183   -8.797  1.00 0.00 ? 19 DG B H22    1 
ATOM 607 P P      . DC B 1 10 ? -2.598  1.592   -15.618 1.00 0.00 ? 20 DC B P      1 
ATOM 608 O OP1    . DC B 1 10 ? -3.169  0.538   -16.491 1.00 0.00 ? 20 DC B OP1    1 
ATOM 609 O OP2    . DC B 1 10 ? -1.839  2.711   -16.235 1.00 0.00 ? 20 DC B OP2    1 
ATOM 610 O "O5'"  . DC B 1 10 ? -3.806  2.238   -14.777 1.00 0.00 ? 20 DC B "O5'"  1 
ATOM 611 C "C5'"  . DC B 1 10 ? -5.153  1.831   -15.056 1.00 0.00 ? 20 DC B "C5'"  1 
ATOM 612 C "C4'"  . DC B 1 10 ? -6.167  2.759   -14.434 1.00 0.00 ? 20 DC B "C4'"  1 
ATOM 613 O "O4'"  . DC B 1 10 ? -5.680  3.277   -13.168 1.00 0.00 ? 20 DC B "O4'"  1 
ATOM 614 C "C3'"  . DC B 1 10 ? -6.585  3.972   -15.258 1.00 0.00 ? 20 DC B "C3'"  1 
ATOM 615 O "O3'"  . DC B 1 10 ? -8.008  4.049   -15.308 1.00 0.00 ? 20 DC B "O3'"  1 
ATOM 616 C "C2'"  . DC B 1 10 ? -6.043  5.151   -14.477 1.00 0.00 ? 20 DC B "C2'"  1 
ATOM 617 C "C1'"  . DC B 1 10 ? -6.168  4.609   -13.032 1.00 0.00 ? 20 DC B "C1'"  1 
ATOM 618 N N1     . DC B 1 10 ? -5.224  5.349   -12.138 1.00 0.00 ? 20 DC B N1     1 
ATOM 619 C C2     . DC B 1 10 ? -5.774  6.194   -11.177 1.00 0.00 ? 20 DC B C2     1 
ATOM 620 O O2     . DC B 1 10 ? -6.996  6.161   -10.987 1.00 0.00 ? 20 DC B O2     1 
ATOM 621 N N3     . DC B 1 10 ? -4.945  7.024   -10.492 1.00 0.00 ? 20 DC B N3     1 
ATOM 622 C C4     . DC B 1 10 ? -3.621  6.959   -10.664 1.00 0.00 ? 20 DC B C4     1 
ATOM 623 N N4     . DC B 1 10 ? -2.851  7.751   -9.933  1.00 0.00 ? 20 DC B N4     1 
ATOM 624 C C5     . DC B 1 10 ? -3.032  6.072   -11.624 1.00 0.00 ? 20 DC B C5     1 
ATOM 625 C C6     . DC B 1 10 ? -3.878  5.282   -12.331 1.00 0.00 ? 20 DC B C6     1 
ATOM 626 H "H5'"  . DC B 1 10 ? -5.310  0.811   -14.668 1.00 0.00 ? 20 DC B "H5'"  1 
ATOM 627 H "H5''" . DC B 1 10 ? -5.305  1.797   -16.146 1.00 0.00 ? 20 DC B "H5''" 1 
ATOM 628 H "H4'"  . DC B 1 10 ? -7.075  2.173   -14.188 1.00 0.00 ? 20 DC B "H4'"  1 
ATOM 629 H "H3'"  . DC B 1 10 ? -6.211  3.850   -16.290 1.00 0.00 ? 20 DC B "H3'"  1 
ATOM 630 H "H2'"  . DC B 1 10 ? -4.980  5.299   -14.709 1.00 0.00 ? 20 DC B "H2'"  1 
ATOM 631 H "H2''" . DC B 1 10 ? -6.688  6.023   -14.594 1.00 0.00 ? 20 DC B "H2''" 1 
ATOM 632 H "H1'"  . DC B 1 10 ? -7.171  4.681   -12.698 1.00 0.00 ? 20 DC B "H1'"  1 
ATOM 633 H H41    . DC B 1 10 ? -3.265  8.388   -9.282  1.00 0.00 ? 20 DC B H41    1 
ATOM 634 H H42    . DC B 1 10 ? -1.857  7.727   -10.046 1.00 0.00 ? 20 DC B H42    1 
ATOM 635 H H5     . DC B 1 10 ? -1.971  6.014   -11.758 1.00 0.00 ? 20 DC B H5     1 
ATOM 636 H H6     . DC B 1 10 ? -3.489  4.651   -13.104 1.00 0.00 ? 20 DC B H6     1 
# 
